data_6RSU
#
_entry.id   6RSU
#
_cell.length_a   136.562
_cell.length_b   136.562
_cell.length_c   87.251
_cell.angle_alpha   90.000
_cell.angle_beta   90.000
_cell.angle_gamma   120.000
#
_symmetry.space_group_name_H-M   'P 32 2 1'
#
loop_
_entity.id
_entity.type
_entity.pdbx_description
1 polymer 'Serine/threonine-protein kinase TBK1'
2 non-polymer 3,3,3-tris(fluoranyl)-1-[4-[(1~{R})-1-[2-[[(2~{S})-5-(5-propan-2-yloxypyrimidin-4-yl)-2,3-dihydro-1~{H}-benzimidazol-2-yl]amino]pyridin-4-yl]ethyl]piperazin-1-yl]propan-1-one
#
_entity_poly.entity_id   1
_entity_poly.type   'polypeptide(L)'
_entity_poly.pdbx_seq_one_letter_code
;GSGSAMGQSTSNHLWLLSDILGQGATANVFRGRHKKTGDLFAIKVFNNISFLRPVDVQMREFEVLKKLNHKNIVKLFAIE
EETTTRHKVLIMEFCPCGSLYTVLEEPSNAYGLPESEFLIVLRDVVGGMNHLRENGIVHRDIKPGNIMRVIGEDGQSVYK
LTDFGAARELEDDEQFVSLYGTEEYLHPDMYERAVLRKDHQKKYGATVDLWSIGVTFYHAATGSLPFRPFEGPRRNKEVM
YKIITGKPSGAISGVQKAENGPIDWSGDMPVSCSLSRGLQVLLTPVLANILEADQEKCWGFDQFFAETSDILHRMVIHVF
SLQQMTAHKIYIHSYNTATIFHELVYKQTKIISSNQELIYEGRRLVLEPGRLAQHFPKTTEENPIFVVSREPLNTIGLIY
EKISLPKVHPRYDLDGDASMAKAITGVVCYACRIASTLLLYQELMRKGIRWLIELIKDDYNETVHKKTEVVITLDFCIRN
IEKTVKVYEKLMKINLEAAELGEISDIHTKLLRLSSSQGTIETSLQDIDSRLSPGGSLADAWAHQEGTHPKDRNVEKLQV
LLNCMTEIYYQFKKDKAERRLAYNEEQIHKFDKQKLYYHATKAMTHFTDECVKKYEAFLNKSEEWIRKMLHLRKQLLSLT
NQCFDIEEEVSKYQEYTNELQET
;
_entity_poly.pdbx_strand_id   A
#
loop_
_chem_comp.id
_chem_comp.type
_chem_comp.name
_chem_comp.formula
KJB non-polymer 3,3,3-tris(fluoranyl)-1-[4-[(1~{R})-1-[2-[[(2~{S})-5-(5-propan-2-yloxypyrimidin-4-yl)-2,3-dihydro-1~{H}-benzimidazol-2-yl]amino]pyridin-4-yl]ethyl]piperazin-1-yl]propan-1-one 'C28 H33 F3 N8 O2'
#
# COMPACT_ATOMS: atom_id res chain seq x y z
N ALA A 5 -28.38 -15.11 34.25
CA ALA A 5 -29.78 -15.34 34.71
C ALA A 5 -30.53 -16.26 33.73
N MET A 6 -31.70 -15.79 33.28
CA MET A 6 -32.53 -16.57 32.38
C MET A 6 -31.91 -16.69 31.00
N GLY A 7 -32.03 -17.88 30.41
CA GLY A 7 -31.52 -18.17 29.09
C GLY A 7 -32.33 -19.29 28.47
N GLN A 8 -32.78 -19.06 27.24
CA GLN A 8 -33.58 -19.97 26.42
C GLN A 8 -32.80 -21.24 26.11
N SER A 9 -33.41 -22.18 25.36
CA SER A 9 -32.72 -23.43 25.04
C SER A 9 -33.39 -24.09 23.85
N THR A 10 -32.75 -25.17 23.38
CA THR A 10 -33.20 -25.97 22.23
C THR A 10 -32.68 -27.38 22.49
N SER A 11 -33.15 -28.27 21.61
CA SER A 11 -32.83 -29.70 21.69
C SER A 11 -31.38 -30.00 21.84
N ASN A 12 -30.61 -29.33 21.02
CA ASN A 12 -29.17 -29.57 20.95
C ASN A 12 -28.34 -28.39 21.43
N HIS A 13 -28.88 -27.18 21.53
CA HIS A 13 -28.01 -26.03 21.85
C HIS A 13 -28.72 -25.19 22.90
N LEU A 14 -27.93 -24.34 23.61
CA LEU A 14 -28.48 -23.47 24.63
C LEU A 14 -27.64 -22.20 24.65
N TRP A 15 -28.23 -21.09 25.10
CA TRP A 15 -27.49 -19.83 25.17
C TRP A 15 -28.21 -18.90 26.15
N LEU A 16 -27.54 -17.87 26.65
CA LEU A 16 -28.24 -16.91 27.47
C LEU A 16 -28.48 -15.68 26.56
N LEU A 17 -29.60 -15.01 26.70
CA LEU A 17 -29.89 -13.81 25.93
C LEU A 17 -29.00 -12.64 26.28
N SER A 18 -28.28 -12.66 27.42
CA SER A 18 -27.30 -11.62 27.72
C SER A 18 -26.19 -11.54 26.67
N ASP A 19 -25.60 -12.69 26.32
CA ASP A 19 -24.60 -12.81 25.26
C ASP A 19 -25.33 -12.57 23.90
N ILE A 20 -25.31 -11.29 23.42
CA ILE A 20 -26.01 -10.88 22.20
C ILE A 20 -24.93 -10.47 21.19
N LEU A 21 -25.11 -10.90 19.93
CA LEU A 21 -24.11 -10.61 18.90
C LEU A 21 -24.72 -9.76 17.81
N GLY A 22 -25.94 -10.03 17.47
CA GLY A 22 -26.64 -9.27 16.46
C GLY A 22 -28.14 -9.19 16.63
N GLN A 23 -28.68 -8.04 16.30
CA GLN A 23 -30.11 -7.72 16.43
C GLN A 23 -30.57 -7.35 15.03
N GLY A 24 -31.24 -8.26 14.35
CA GLY A 24 -31.74 -8.03 13.01
C GLY A 24 -33.22 -7.69 13.07
N ALA A 25 -33.82 -7.49 11.90
CA ALA A 25 -35.23 -7.16 11.87
C ALA A 25 -36.09 -8.37 12.18
N THR A 26 -35.87 -9.45 11.45
CA THR A 26 -36.66 -10.67 11.59
C THR A 26 -36.13 -11.57 12.70
N ALA A 27 -34.85 -11.40 13.10
CA ALA A 27 -34.27 -12.31 14.07
C ALA A 27 -33.24 -11.62 14.95
N ASN A 28 -32.72 -12.43 15.92
CA ASN A 28 -31.66 -12.05 16.87
C ASN A 28 -30.73 -13.26 16.96
N VAL A 29 -29.40 -12.98 16.87
CA VAL A 29 -28.38 -14.02 16.94
C VAL A 29 -27.57 -13.91 18.22
N PHE A 30 -27.49 -14.93 19.06
CA PHE A 30 -26.64 -14.81 20.25
C PHE A 30 -25.55 -15.89 20.26
N ARG A 31 -24.53 -15.62 21.13
CA ARG A 31 -23.45 -16.61 21.34
C ARG A 31 -24.03 -17.84 22.10
N GLY A 32 -24.02 -18.99 21.38
CA GLY A 32 -24.51 -20.26 21.92
C GLY A 32 -23.51 -21.44 21.82
N ARG A 33 -23.81 -22.52 22.56
CA ARG A 33 -23.01 -23.76 22.58
C ARG A 33 -23.89 -24.99 22.28
N HIS A 34 -23.22 -26.09 21.91
CA HIS A 34 -23.91 -27.36 21.67
C HIS A 34 -24.17 -28.06 23.01
N LYS A 35 -25.39 -28.90 23.28
CA LYS A 35 -25.79 -29.48 24.73
C LYS A 35 -24.74 -30.68 25.28
N LYS A 36 -24.17 -31.44 24.54
CA LYS A 36 -22.93 -32.30 24.78
C LYS A 36 -21.55 -31.79 24.55
N THR A 37 -21.26 -31.23 23.34
CA THR A 37 -19.91 -30.86 22.73
C THR A 37 -19.48 -29.55 23.31
N GLY A 38 -20.15 -28.57 23.50
CA GLY A 38 -19.70 -27.30 24.09
C GLY A 38 -19.03 -26.44 23.08
N ASP A 39 -19.25 -26.71 21.80
CA ASP A 39 -18.67 -25.84 20.77
C ASP A 39 -19.55 -24.63 20.46
N LEU A 40 -18.96 -23.51 20.12
CA LEU A 40 -19.68 -22.27 19.88
C LEU A 40 -20.23 -22.18 18.46
N PHE A 41 -21.46 -21.68 18.37
CA PHE A 41 -22.14 -21.47 17.11
C PHE A 41 -22.93 -20.19 17.31
N ALA A 42 -23.33 -19.56 16.23
CA ALA A 42 -24.17 -18.35 16.26
C ALA A 42 -25.59 -18.83 16.24
N ILE A 43 -26.43 -18.38 17.17
CA ILE A 43 -27.81 -18.86 17.27
C ILE A 43 -28.74 -17.79 16.68
N LYS A 44 -29.43 -18.15 15.52
CA LYS A 44 -30.41 -17.23 14.95
C LYS A 44 -31.81 -17.64 15.40
N VAL A 45 -32.23 -16.96 16.45
CA VAL A 45 -33.58 -17.23 16.95
C VAL A 45 -34.53 -16.27 16.23
N PHE A 46 -35.48 -16.82 15.47
CA PHE A 46 -36.29 -15.91 14.66
C PHE A 46 -37.29 -15.21 15.57
N ASN A 47 -37.39 -13.89 15.53
CA ASN A 47 -38.40 -13.21 16.33
C ASN A 47 -39.59 -12.87 15.43
N ASN A 48 -40.79 -12.97 15.99
CA ASN A 48 -42.04 -12.66 15.31
C ASN A 48 -42.10 -13.41 13.98
N ILE A 49 -42.38 -14.72 14.05
CA ILE A 49 -42.50 -15.60 12.89
C ILE A 49 -43.73 -16.49 13.03
N SER A 50 -44.89 -16.00 12.57
CA SER A 50 -46.16 -16.75 12.69
C SER A 50 -46.94 -16.42 11.42
N PHE A 51 -47.09 -15.10 11.15
CA PHE A 51 -47.80 -14.67 9.96
C PHE A 51 -47.08 -15.14 8.70
N LEU A 52 -45.88 -15.65 8.85
CA LEU A 52 -45.09 -16.29 7.82
C LEU A 52 -45.21 -17.77 8.02
N ARG A 53 -44.27 -18.27 8.84
CA ARG A 53 -44.19 -19.71 9.21
C ARG A 53 -44.41 -20.49 7.99
N PRO A 54 -43.61 -20.36 6.88
CA PRO A 54 -43.75 -21.21 5.78
C PRO A 54 -42.86 -22.43 6.01
N VAL A 55 -43.38 -23.38 6.79
CA VAL A 55 -42.66 -24.60 7.14
C VAL A 55 -42.67 -25.42 5.85
N ASP A 56 -43.30 -24.81 4.84
CA ASP A 56 -43.41 -25.36 3.48
C ASP A 56 -42.30 -24.96 2.56
N VAL A 57 -42.05 -23.71 2.43
CA VAL A 57 -41.00 -23.21 1.55
C VAL A 57 -39.70 -23.02 2.40
N GLN A 58 -39.80 -22.31 3.58
CA GLN A 58 -38.51 -22.12 4.23
C GLN A 58 -37.88 -23.43 4.65
N MET A 59 -38.65 -24.49 4.84
CA MET A 59 -37.99 -25.73 5.15
C MET A 59 -37.06 -26.06 3.98
N ARG A 60 -37.63 -26.12 2.77
CA ARG A 60 -36.80 -26.43 1.62
C ARG A 60 -35.74 -25.38 1.39
N GLU A 61 -36.02 -24.11 1.70
CA GLU A 61 -35.04 -23.05 1.49
C GLU A 61 -33.84 -23.26 2.41
N PHE A 62 -34.08 -23.43 3.68
CA PHE A 62 -32.93 -23.58 4.56
C PHE A 62 -32.20 -24.92 4.41
N GLU A 63 -32.89 -25.97 4.00
CA GLU A 63 -32.21 -27.24 3.69
C GLU A 63 -31.28 -27.13 2.50
N VAL A 64 -31.63 -26.22 1.58
CA VAL A 64 -30.77 -25.97 0.43
C VAL A 64 -29.57 -25.17 0.83
N LEU A 65 -29.77 -24.14 1.62
CA LEU A 65 -28.69 -23.35 2.12
C LEU A 65 -27.78 -24.05 3.10
N LYS A 66 -28.23 -25.15 3.71
CA LYS A 66 -27.39 -25.88 4.65
C LYS A 66 -26.23 -26.56 3.93
N LYS A 67 -26.53 -27.38 2.92
CA LYS A 67 -25.49 -28.09 2.19
C LYS A 67 -24.67 -27.16 1.30
N LEU A 68 -25.14 -25.94 1.05
CA LEU A 68 -24.38 -24.96 0.28
C LEU A 68 -23.12 -24.69 1.09
N ASN A 69 -21.97 -25.12 0.58
CA ASN A 69 -20.72 -25.03 1.32
C ASN A 69 -19.57 -24.44 0.53
N HIS A 70 -18.86 -23.51 1.16
CA HIS A 70 -17.66 -22.84 0.65
C HIS A 70 -16.90 -22.25 1.81
N LYS A 71 -15.61 -22.01 1.57
CA LYS A 71 -14.74 -21.41 2.57
C LYS A 71 -15.04 -19.93 2.83
N ASN A 72 -15.63 -19.22 1.87
CA ASN A 72 -15.89 -17.80 2.05
C ASN A 72 -17.36 -17.49 2.35
N ILE A 73 -18.08 -18.44 2.92
CA ILE A 73 -19.50 -18.23 3.25
C ILE A 73 -19.79 -18.90 4.59
N VAL A 74 -20.49 -18.18 5.45
CA VAL A 74 -20.85 -18.73 6.74
C VAL A 74 -21.72 -19.96 6.54
N LYS A 75 -21.33 -21.04 7.21
CA LYS A 75 -21.97 -22.34 7.07
C LYS A 75 -23.21 -22.36 7.94
N LEU A 76 -24.31 -22.85 7.37
CA LEU A 76 -25.54 -23.02 8.13
C LEU A 76 -25.54 -24.48 8.52
N PHE A 77 -25.42 -24.76 9.82
CA PHE A 77 -25.27 -26.16 10.19
C PHE A 77 -26.62 -26.84 10.31
N ALA A 78 -27.59 -26.17 10.93
CA ALA A 78 -28.84 -26.84 11.25
C ALA A 78 -29.90 -25.80 11.57
N ILE A 79 -31.15 -26.22 11.45
CA ILE A 79 -32.34 -25.45 11.78
C ILE A 79 -33.17 -26.21 12.82
N GLU A 80 -33.23 -25.72 14.04
CA GLU A 80 -34.01 -26.40 15.10
C GLU A 80 -35.12 -25.49 15.64
N GLU A 81 -36.06 -26.04 16.43
CA GLU A 81 -37.13 -25.20 16.97
C GLU A 81 -36.97 -25.19 18.48
N GLU A 82 -37.12 -24.00 19.04
CA GLU A 82 -37.00 -23.81 20.47
C GLU A 82 -38.02 -24.56 21.36
N THR A 83 -37.53 -24.92 22.54
CA THR A 83 -38.29 -25.67 23.53
C THR A 83 -39.49 -24.90 24.04
N THR A 84 -39.20 -23.72 24.57
CA THR A 84 -40.14 -22.88 25.30
C THR A 84 -41.08 -22.04 24.46
N THR A 85 -40.88 -22.07 23.14
CA THR A 85 -41.60 -21.17 22.25
C THR A 85 -41.90 -21.74 20.85
N ARG A 86 -41.42 -22.93 20.57
CA ARG A 86 -41.57 -23.56 19.29
C ARG A 86 -41.02 -22.60 18.19
N HIS A 87 -40.18 -21.62 18.54
CA HIS A 87 -39.51 -20.79 17.53
C HIS A 87 -38.34 -21.48 16.84
N LYS A 88 -38.27 -21.24 15.51
CA LYS A 88 -37.21 -21.76 14.65
C LYS A 88 -35.85 -21.08 14.73
N VAL A 89 -34.83 -21.88 14.99
CA VAL A 89 -33.53 -21.28 15.22
C VAL A 89 -32.50 -21.82 14.23
N LEU A 90 -31.88 -20.92 13.42
CA LEU A 90 -30.73 -21.36 12.63
C LEU A 90 -29.49 -21.33 13.55
N ILE A 91 -28.78 -22.41 13.59
CA ILE A 91 -27.52 -22.48 14.32
C ILE A 91 -26.42 -22.49 13.25
N MET A 92 -25.58 -21.46 13.22
CA MET A 92 -24.48 -21.29 12.25
C MET A 92 -23.11 -21.25 12.91
N GLU A 93 -22.04 -21.30 12.10
CA GLU A 93 -20.72 -21.24 12.72
C GLU A 93 -20.46 -19.82 13.27
N PHE A 94 -19.94 -19.81 14.51
CA PHE A 94 -19.56 -18.60 15.19
C PHE A 94 -18.30 -18.00 14.64
N CYS A 95 -18.37 -16.70 14.28
CA CYS A 95 -17.22 -15.94 13.79
C CYS A 95 -16.64 -15.11 14.93
N PRO A 96 -15.68 -15.64 15.67
CA PRO A 96 -15.21 -14.96 16.88
C PRO A 96 -14.85 -13.49 16.75
N CYS A 97 -14.52 -13.05 15.55
CA CYS A 97 -13.83 -11.78 15.37
C CYS A 97 -14.74 -10.63 14.97
N GLY A 98 -16.05 -10.85 14.88
CA GLY A 98 -16.95 -9.79 14.49
C GLY A 98 -17.21 -9.67 13.01
N SER A 99 -17.51 -8.45 12.57
CA SER A 99 -17.72 -8.17 11.15
C SER A 99 -16.63 -7.26 10.62
N LEU A 100 -16.73 -6.95 9.32
CA LEU A 100 -15.87 -5.91 8.76
C LEU A 100 -16.20 -4.55 9.36
N TYR A 101 -17.46 -4.32 9.68
CA TYR A 101 -17.85 -3.10 10.37
C TYR A 101 -17.14 -2.93 11.69
N THR A 102 -16.93 -4.01 12.42
CA THR A 102 -16.21 -3.87 13.68
C THR A 102 -14.77 -3.46 13.49
N VAL A 103 -14.12 -4.00 12.46
CA VAL A 103 -12.75 -3.60 12.18
C VAL A 103 -12.73 -2.14 11.70
N LEU A 104 -13.68 -1.72 10.87
CA LEU A 104 -13.61 -0.33 10.51
C LEU A 104 -13.83 0.64 11.67
N GLU A 105 -14.48 0.18 12.73
CA GLU A 105 -14.48 1.01 13.92
C GLU A 105 -13.09 1.23 14.46
N GLU A 106 -12.14 0.36 14.13
CA GLU A 106 -10.82 0.54 14.72
C GLU A 106 -10.20 1.81 14.13
N PRO A 107 -9.58 2.64 14.98
CA PRO A 107 -8.95 3.86 14.46
C PRO A 107 -7.80 3.60 13.53
N SER A 108 -7.08 2.49 13.71
CA SER A 108 -6.00 2.19 12.80
C SER A 108 -6.48 2.12 11.37
N ASN A 109 -7.76 1.77 11.17
CA ASN A 109 -8.34 1.69 9.84
C ASN A 109 -9.34 2.81 9.59
N ALA A 110 -9.25 3.89 10.37
CA ALA A 110 -10.15 5.01 10.18
C ALA A 110 -9.92 5.65 8.83
N TYR A 111 -8.70 5.57 8.30
CA TYR A 111 -8.36 6.13 7.01
C TYR A 111 -8.12 5.04 5.98
N GLY A 112 -8.64 3.85 6.23
CA GLY A 112 -8.53 2.73 5.32
C GLY A 112 -7.76 1.56 5.89
N LEU A 113 -8.14 0.36 5.46
CA LEU A 113 -7.45 -0.83 5.89
C LEU A 113 -6.05 -0.91 5.28
N PRO A 114 -5.18 -1.70 5.91
CA PRO A 114 -3.89 -2.00 5.29
C PRO A 114 -4.08 -2.63 3.92
N GLU A 115 -3.09 -2.40 3.07
CA GLU A 115 -3.18 -2.86 1.69
C GLU A 115 -3.38 -4.37 1.66
N SER A 116 -2.60 -5.09 2.48
CA SER A 116 -2.72 -6.55 2.53
C SER A 116 -4.10 -7.00 2.98
N GLU A 117 -4.62 -6.38 4.05
CA GLU A 117 -5.95 -6.75 4.53
C GLU A 117 -7.03 -6.44 3.51
N PHE A 118 -6.82 -5.41 2.70
CA PHE A 118 -7.79 -5.08 1.66
C PHE A 118 -7.85 -6.16 0.59
N LEU A 119 -6.70 -6.72 0.25
CA LEU A 119 -6.69 -7.80 -0.73
C LEU A 119 -7.40 -9.05 -0.23
N ILE A 120 -7.32 -9.34 1.07
CA ILE A 120 -8.01 -10.50 1.62
C ILE A 120 -9.52 -10.34 1.53
N VAL A 121 -10.03 -9.18 1.92
CA VAL A 121 -11.47 -8.96 1.87
C VAL A 121 -11.95 -9.01 0.42
N LEU A 122 -11.24 -8.31 -0.45
CA LEU A 122 -11.65 -8.24 -1.84
C LEU A 122 -11.69 -9.62 -2.46
N ARG A 123 -10.68 -10.44 -2.17
CA ARG A 123 -10.62 -11.76 -2.76
C ARG A 123 -11.74 -12.63 -2.25
N ASP A 124 -11.97 -12.60 -0.93
CA ASP A 124 -12.98 -13.44 -0.31
C ASP A 124 -14.41 -13.02 -0.66
N VAL A 125 -14.66 -11.71 -0.70
CA VAL A 125 -16.01 -11.22 -1.01
C VAL A 125 -16.46 -11.64 -2.41
N VAL A 126 -15.60 -11.46 -3.41
CA VAL A 126 -15.94 -11.79 -4.79
C VAL A 126 -16.15 -13.28 -4.95
N GLY A 127 -15.26 -14.08 -4.35
CA GLY A 127 -15.35 -15.51 -4.46
C GLY A 127 -16.59 -16.04 -3.80
N GLY A 128 -16.93 -15.48 -2.64
CA GLY A 128 -18.15 -15.92 -1.98
C GLY A 128 -19.37 -15.46 -2.76
N MET A 129 -19.35 -14.22 -3.23
CA MET A 129 -20.46 -13.67 -4.00
C MET A 129 -20.59 -14.44 -5.32
N ASN A 130 -19.44 -14.85 -5.89
CA ASN A 130 -19.44 -15.65 -7.11
C ASN A 130 -20.00 -17.06 -6.88
N HIS A 131 -19.75 -17.65 -5.72
CA HIS A 131 -20.27 -18.99 -5.44
C HIS A 131 -21.79 -19.01 -5.37
N LEU A 132 -22.40 -17.97 -4.81
CA LEU A 132 -23.85 -17.89 -4.80
C LEU A 132 -24.40 -17.60 -6.20
N ARG A 133 -23.65 -16.84 -7.02
CA ARG A 133 -24.11 -16.52 -8.37
C ARG A 133 -24.16 -17.77 -9.24
N GLU A 134 -23.18 -18.67 -9.08
CA GLU A 134 -23.20 -19.89 -9.87
C GLU A 134 -24.44 -20.72 -9.57
N ASN A 135 -25.01 -20.51 -8.38
CA ASN A 135 -26.26 -21.08 -7.94
C ASN A 135 -27.45 -20.16 -8.19
N GLY A 136 -27.20 -18.97 -8.75
CA GLY A 136 -28.26 -18.05 -9.06
C GLY A 136 -28.60 -17.13 -7.91
N ILE A 137 -28.25 -17.54 -6.69
CA ILE A 137 -28.55 -16.76 -5.51
C ILE A 137 -27.72 -15.50 -5.60
N VAL A 138 -28.33 -14.36 -5.29
CA VAL A 138 -27.64 -13.09 -5.39
C VAL A 138 -28.20 -12.32 -4.21
N HIS A 139 -27.37 -11.48 -3.68
CA HIS A 139 -27.44 -10.75 -2.44
C HIS A 139 -27.98 -9.34 -2.40
N ARG A 140 -27.31 -8.37 -3.11
CA ARG A 140 -27.63 -6.94 -3.23
C ARG A 140 -27.18 -6.24 -1.96
N ASP A 141 -27.64 -6.67 -0.77
CA ASP A 141 -27.38 -6.04 0.50
C ASP A 141 -25.99 -6.23 1.16
N ILE A 142 -24.96 -6.60 0.41
CA ILE A 142 -23.68 -6.96 1.05
C ILE A 142 -23.18 -5.65 1.73
N LYS A 143 -22.82 -5.71 3.04
CA LYS A 143 -22.42 -4.55 3.87
C LYS A 143 -21.34 -5.01 4.87
N PRO A 144 -20.43 -4.18 5.20
CA PRO A 144 -19.43 -4.60 6.18
C PRO A 144 -19.94 -5.11 7.52
N GLY A 145 -21.19 -4.74 7.85
CA GLY A 145 -21.84 -5.20 9.05
C GLY A 145 -22.38 -6.61 8.88
N ASN A 146 -22.46 -6.97 7.59
CA ASN A 146 -22.86 -8.28 7.06
C ASN A 146 -21.76 -9.08 6.39
N ILE A 147 -20.51 -8.76 6.70
CA ILE A 147 -19.35 -9.54 6.20
C ILE A 147 -18.54 -9.89 7.42
N MET A 148 -18.64 -11.12 7.89
CA MET A 148 -17.99 -11.51 9.12
C MET A 148 -16.55 -11.94 8.90
N ARG A 149 -15.79 -11.96 10.00
CA ARG A 149 -14.37 -12.26 9.98
C ARG A 149 -14.03 -13.34 10.99
N VAL A 150 -13.19 -14.27 10.56
CA VAL A 150 -12.64 -15.31 11.42
C VAL A 150 -11.16 -15.35 11.10
N ILE A 151 -10.42 -16.02 11.95
CA ILE A 151 -8.98 -16.12 11.75
C ILE A 151 -8.66 -17.52 11.23
N GLY A 152 -8.05 -17.55 10.03
CA GLY A 152 -7.70 -18.78 9.37
C GLY A 152 -6.54 -19.50 10.02
N GLU A 153 -6.29 -20.73 9.52
CA GLU A 153 -5.22 -21.54 10.09
C GLU A 153 -3.87 -20.87 9.93
N ASP A 154 -3.71 -20.05 8.90
CA ASP A 154 -2.45 -19.35 8.69
C ASP A 154 -2.34 -18.08 9.51
N GLY A 155 -3.39 -17.75 10.26
CA GLY A 155 -3.50 -16.61 11.14
C GLY A 155 -4.14 -15.41 10.51
N GLN A 156 -4.05 -15.26 9.19
CA GLN A 156 -4.64 -14.11 8.52
C GLN A 156 -6.14 -14.34 8.34
N SER A 157 -6.88 -13.26 8.41
CA SER A 157 -8.33 -13.28 8.31
C SER A 157 -8.85 -13.90 7.04
N VAL A 158 -10.07 -14.41 7.18
CA VAL A 158 -10.86 -14.97 6.10
C VAL A 158 -12.26 -14.41 6.28
N TYR A 159 -12.78 -13.81 5.22
CA TYR A 159 -14.05 -13.13 5.30
C TYR A 159 -15.14 -13.95 4.63
N LYS A 160 -16.35 -13.88 5.19
CA LYS A 160 -17.44 -14.72 4.75
C LYS A 160 -18.76 -13.96 4.59
N LEU A 161 -19.67 -14.53 3.78
CA LEU A 161 -20.95 -13.79 3.60
C LEU A 161 -21.89 -14.44 4.58
N THR A 162 -23.01 -13.74 4.86
CA THR A 162 -23.81 -14.43 5.88
C THR A 162 -25.33 -14.21 5.98
N ASP A 163 -25.93 -13.26 5.37
CA ASP A 163 -27.35 -13.04 5.69
C ASP A 163 -27.88 -12.49 4.38
N PHE A 164 -28.15 -13.45 3.48
CA PHE A 164 -28.57 -13.32 2.08
C PHE A 164 -29.67 -14.32 1.83
N GLY A 165 -30.43 -13.94 0.80
CA GLY A 165 -31.56 -14.72 0.31
C GLY A 165 -32.85 -14.39 1.03
N ALA A 166 -32.81 -13.43 1.93
CA ALA A 166 -33.90 -12.94 2.77
C ALA A 166 -34.74 -11.79 2.24
N ALA A 167 -34.79 -11.63 0.91
CA ALA A 167 -35.54 -10.57 0.24
C ALA A 167 -36.69 -10.99 -0.67
N ARG A 168 -37.13 -12.24 -0.63
CA ARG A 168 -38.22 -12.63 -1.52
C ARG A 168 -39.64 -12.50 -0.95
N GLU A 169 -39.93 -13.17 0.17
CA GLU A 169 -41.31 -13.24 0.66
C GLU A 169 -41.70 -12.12 1.62
N LEU A 170 -40.75 -11.34 2.11
CA LEU A 170 -41.05 -10.20 2.97
C LEU A 170 -39.78 -9.34 3.09
N GLY A 181 -31.21 -3.75 1.00
CA GLY A 181 -30.10 -2.82 0.90
C GLY A 181 -29.99 -1.90 2.06
N THR A 182 -28.77 -1.61 2.51
CA THR A 182 -28.61 -0.60 3.54
C THR A 182 -28.81 0.79 2.93
N GLU A 183 -29.42 1.70 3.70
CA GLU A 183 -29.81 2.98 3.11
C GLU A 183 -28.60 3.65 2.47
N GLU A 184 -27.42 3.51 3.09
CA GLU A 184 -26.21 4.10 2.54
C GLU A 184 -25.58 3.30 1.41
N TYR A 185 -25.94 2.03 1.26
CA TYR A 185 -25.36 1.21 0.20
C TYR A 185 -26.38 0.89 -0.90
N LEU A 186 -27.52 1.57 -0.90
CA LEU A 186 -28.57 1.33 -1.87
C LEU A 186 -28.24 1.95 -3.21
N HIS A 187 -28.81 1.38 -4.24
CA HIS A 187 -28.66 1.88 -5.60
C HIS A 187 -29.65 3.03 -5.82
N PRO A 188 -29.25 4.05 -6.58
CA PRO A 188 -30.13 5.21 -6.76
C PRO A 188 -31.57 4.91 -7.14
N ASP A 189 -31.79 4.07 -8.15
CA ASP A 189 -33.16 3.79 -8.56
C ASP A 189 -33.90 2.95 -7.54
N MET A 190 -33.18 2.11 -6.76
CA MET A 190 -33.88 1.38 -5.71
C MET A 190 -34.03 2.17 -4.42
N TYR A 191 -33.44 3.34 -4.32
CA TYR A 191 -33.48 4.07 -3.06
C TYR A 191 -34.92 4.50 -2.76
N GLU A 192 -35.58 5.11 -3.75
CA GLU A 192 -36.94 5.62 -3.60
C GLU A 192 -37.93 4.45 -3.44
N GLY A 205 -30.91 -6.86 -12.94
CA GLY A 205 -29.94 -6.06 -13.64
C GLY A 205 -28.51 -6.51 -13.39
N ALA A 206 -27.55 -5.62 -13.64
CA ALA A 206 -26.15 -5.91 -13.41
C ALA A 206 -25.46 -4.93 -12.45
N THR A 207 -25.56 -3.62 -12.71
CA THR A 207 -24.91 -2.67 -11.81
C THR A 207 -25.51 -2.59 -10.41
N VAL A 208 -26.82 -2.81 -10.32
CA VAL A 208 -27.51 -2.71 -9.03
C VAL A 208 -26.94 -3.70 -8.04
N ASP A 209 -26.40 -4.78 -8.56
CA ASP A 209 -25.74 -5.74 -7.72
C ASP A 209 -24.50 -5.08 -7.14
N LEU A 210 -23.61 -4.76 -8.08
CA LEU A 210 -22.26 -4.26 -7.88
C LEU A 210 -22.16 -2.96 -7.10
N TRP A 211 -23.24 -2.19 -6.99
CA TRP A 211 -23.17 -0.90 -6.31
C TRP A 211 -22.79 -1.01 -4.83
N SER A 212 -23.57 -1.73 -4.01
CA SER A 212 -23.23 -1.82 -2.60
C SER A 212 -21.84 -2.38 -2.34
N ILE A 213 -21.37 -3.28 -3.20
CA ILE A 213 -20.03 -3.82 -3.02
C ILE A 213 -18.98 -2.74 -3.26
N GLY A 214 -19.17 -1.92 -4.30
CA GLY A 214 -18.22 -0.86 -4.56
C GLY A 214 -18.22 0.13 -3.42
N VAL A 215 -19.40 0.44 -2.89
CA VAL A 215 -19.47 1.30 -1.72
C VAL A 215 -18.73 0.66 -0.57
N THR A 216 -18.81 -0.66 -0.47
CA THR A 216 -18.09 -1.37 0.59
C THR A 216 -16.59 -1.26 0.37
N PHE A 217 -16.14 -1.47 -0.85
CA PHE A 217 -14.71 -1.45 -1.16
C PHE A 217 -14.14 -0.06 -1.01
N TYR A 218 -14.88 0.98 -1.42
CA TYR A 218 -14.42 2.34 -1.15
C TYR A 218 -14.29 2.57 0.35
N HIS A 219 -15.24 2.04 1.12
CA HIS A 219 -15.18 2.24 2.56
C HIS A 219 -14.01 1.50 3.21
N ALA A 220 -13.61 0.37 2.66
CA ALA A 220 -12.50 -0.36 3.27
C ALA A 220 -11.15 0.25 2.92
N ALA A 221 -11.06 0.90 1.76
CA ALA A 221 -9.82 1.52 1.34
C ALA A 221 -9.64 2.91 1.92
N THR A 222 -10.69 3.72 1.92
CA THR A 222 -10.61 5.09 2.40
C THR A 222 -10.79 5.17 3.90
N GLY A 223 -11.60 4.28 4.45
CA GLY A 223 -12.09 4.32 5.79
C GLY A 223 -13.34 5.14 5.97
N SER A 224 -13.94 5.65 4.92
CA SER A 224 -15.15 6.44 5.04
C SER A 224 -15.98 6.13 3.82
N LEU A 225 -17.20 6.55 3.84
CA LEU A 225 -18.12 6.27 2.75
C LEU A 225 -17.94 7.21 1.55
N PRO A 226 -18.30 6.74 0.35
CA PRO A 226 -18.09 7.57 -0.85
C PRO A 226 -18.87 8.85 -0.92
N PHE A 227 -20.19 8.81 -0.72
CA PHE A 227 -21.06 9.97 -0.88
C PHE A 227 -21.59 10.45 0.46
N ARG A 228 -21.19 11.66 0.82
CA ARG A 228 -21.45 12.26 2.13
C ARG A 228 -22.08 13.65 2.04
N PRO A 229 -23.32 13.81 2.49
CA PRO A 229 -23.85 15.17 2.74
C PRO A 229 -23.10 15.78 3.92
N PHE A 230 -23.33 17.08 4.17
CA PHE A 230 -22.58 17.73 5.23
C PHE A 230 -22.97 17.24 6.62
N GLU A 231 -24.25 17.28 6.97
CA GLU A 231 -24.61 16.78 8.28
C GLU A 231 -24.57 15.25 8.23
N GLY A 232 -25.18 14.70 7.17
CA GLY A 232 -25.24 13.27 6.95
C GLY A 232 -26.62 12.69 6.68
N PRO A 233 -26.73 11.36 6.84
CA PRO A 233 -28.00 10.65 6.59
C PRO A 233 -29.09 10.85 7.64
N ARG A 234 -29.85 11.92 7.45
CA ARG A 234 -30.91 12.34 8.36
C ARG A 234 -32.13 12.86 7.58
N ARG A 235 -32.95 13.72 8.18
CA ARG A 235 -34.07 14.34 7.46
C ARG A 235 -33.65 15.25 6.33
N ASN A 236 -32.42 15.71 6.27
CA ASN A 236 -31.90 16.40 5.08
C ASN A 236 -31.26 15.49 4.06
N LYS A 237 -31.58 14.19 4.08
CA LYS A 237 -31.06 13.20 3.14
C LYS A 237 -31.59 13.27 1.70
N GLU A 238 -32.41 14.23 1.31
CA GLU A 238 -32.74 14.34 -0.12
C GLU A 238 -31.52 14.74 -0.97
N VAL A 239 -30.62 15.55 -0.40
CA VAL A 239 -29.42 15.93 -1.12
C VAL A 239 -28.58 14.71 -1.46
N MET A 240 -28.49 13.76 -0.53
CA MET A 240 -27.69 12.57 -0.79
C MET A 240 -28.13 11.94 -2.10
N TYR A 241 -29.45 11.78 -2.26
CA TYR A 241 -29.99 11.15 -3.47
C TYR A 241 -29.64 11.94 -4.72
N LYS A 242 -29.56 13.28 -4.60
CA LYS A 242 -29.12 14.09 -5.73
C LYS A 242 -27.65 13.84 -6.05
N ILE A 243 -26.85 13.57 -5.03
CA ILE A 243 -25.45 13.28 -5.27
C ILE A 243 -25.34 12.02 -6.10
N ILE A 244 -26.08 10.98 -5.72
CA ILE A 244 -25.98 9.71 -6.42
C ILE A 244 -26.50 9.84 -7.84
N THR A 245 -27.67 10.47 -7.99
CA THR A 245 -28.26 10.71 -9.30
C THR A 245 -27.55 11.77 -10.12
N GLY A 246 -26.69 12.58 -9.52
CA GLY A 246 -25.93 13.55 -10.26
C GLY A 246 -24.50 13.16 -10.53
N LYS A 247 -24.11 11.96 -10.13
CA LYS A 247 -22.76 11.44 -10.33
C LYS A 247 -22.21 11.44 -11.75
N PRO A 248 -21.38 12.43 -12.08
CA PRO A 248 -20.84 12.52 -13.43
C PRO A 248 -19.67 11.59 -13.69
N SER A 249 -19.59 11.14 -14.93
CA SER A 249 -18.41 10.42 -15.46
C SER A 249 -18.07 9.19 -14.62
N GLY A 250 -16.79 9.00 -14.32
CA GLY A 250 -16.31 7.91 -13.51
C GLY A 250 -15.87 8.40 -12.14
N ALA A 251 -16.61 9.37 -11.62
CA ALA A 251 -16.33 9.84 -10.27
C ALA A 251 -16.74 8.77 -9.27
N ILE A 252 -15.86 8.53 -8.30
CA ILE A 252 -16.09 7.50 -7.31
C ILE A 252 -16.54 8.07 -5.97
N SER A 253 -16.60 9.40 -5.86
CA SER A 253 -16.97 10.00 -4.59
C SER A 253 -17.44 11.43 -4.82
N GLY A 254 -18.28 11.90 -3.90
CA GLY A 254 -18.76 13.27 -3.95
C GLY A 254 -19.28 13.73 -2.60
N VAL A 255 -18.67 14.76 -2.02
CA VAL A 255 -18.96 15.19 -0.65
C VAL A 255 -19.05 16.71 -0.60
N GLN A 256 -20.09 17.22 0.03
CA GLN A 256 -20.20 18.66 0.28
C GLN A 256 -19.57 18.96 1.64
N LYS A 257 -18.66 19.93 1.66
CA LYS A 257 -17.93 20.27 2.86
C LYS A 257 -18.61 21.34 3.69
N ALA A 258 -19.75 21.85 3.24
CA ALA A 258 -20.45 22.88 3.98
C ALA A 258 -21.96 22.64 3.92
N GLU A 259 -22.66 23.21 4.88
CA GLU A 259 -24.09 23.02 4.99
C GLU A 259 -24.73 23.60 3.75
N ASN A 260 -25.44 22.76 3.02
CA ASN A 260 -26.13 23.21 1.79
C ASN A 260 -25.13 23.80 0.81
N GLY A 261 -23.99 23.18 0.69
CA GLY A 261 -22.98 23.68 -0.21
C GLY A 261 -22.76 22.84 -1.45
N PRO A 262 -21.76 23.21 -2.21
CA PRO A 262 -21.42 22.47 -3.44
C PRO A 262 -20.82 21.12 -3.11
N ILE A 263 -20.74 20.29 -4.14
CA ILE A 263 -20.28 18.92 -4.00
C ILE A 263 -18.88 18.83 -4.61
N ASP A 264 -17.92 18.37 -3.81
CA ASP A 264 -16.54 18.19 -4.27
C ASP A 264 -16.50 16.82 -4.91
N TRP A 265 -16.37 16.78 -6.23
CA TRP A 265 -16.39 15.53 -6.95
C TRP A 265 -14.93 15.13 -7.17
N SER A 266 -14.70 13.83 -7.30
CA SER A 266 -13.34 13.35 -7.52
C SER A 266 -13.39 11.95 -8.10
N GLY A 267 -12.61 11.71 -9.14
CA GLY A 267 -12.58 10.37 -9.68
C GLY A 267 -11.34 9.61 -9.26
N ASP A 268 -10.74 10.01 -8.12
CA ASP A 268 -9.55 9.33 -7.66
C ASP A 268 -9.67 9.22 -6.14
N MET A 269 -8.83 8.51 -5.60
CA MET A 269 -8.85 8.30 -4.15
C MET A 269 -8.02 9.32 -3.38
N PRO A 270 -8.38 9.54 -2.13
CA PRO A 270 -7.67 10.51 -1.29
C PRO A 270 -6.26 10.11 -0.92
N VAL A 271 -5.55 11.13 -0.43
CA VAL A 271 -4.16 11.03 -0.01
C VAL A 271 -4.02 10.21 1.27
N SER A 272 -5.03 10.26 2.16
CA SER A 272 -4.93 9.48 3.37
C SER A 272 -5.03 7.99 3.08
N CYS A 273 -5.33 7.58 1.85
CA CYS A 273 -5.46 6.17 1.55
C CYS A 273 -4.12 5.47 1.78
N SER A 274 -4.16 4.40 2.58
CA SER A 274 -2.96 3.64 2.90
C SER A 274 -2.52 2.74 1.76
N LEU A 275 -3.27 2.71 0.66
CA LEU A 275 -2.93 1.83 -0.43
C LEU A 275 -1.76 2.38 -1.21
N SER A 276 -1.07 1.49 -1.92
CA SER A 276 0.01 1.98 -2.74
C SER A 276 -0.60 2.64 -3.96
N ARG A 277 0.17 3.52 -4.61
CA ARG A 277 -0.39 4.26 -5.73
C ARG A 277 -0.66 3.30 -6.90
N GLY A 278 0.21 2.31 -7.07
CA GLY A 278 0.04 1.35 -8.15
C GLY A 278 -1.26 0.58 -8.05
N LEU A 279 -1.73 0.31 -6.84
CA LEU A 279 -2.97 -0.43 -6.68
C LEU A 279 -4.16 0.44 -7.04
N GLN A 280 -4.11 1.72 -6.66
CA GLN A 280 -5.22 2.62 -6.94
C GLN A 280 -5.50 2.71 -8.44
N VAL A 281 -4.46 2.65 -9.26
CA VAL A 281 -4.64 2.75 -10.70
C VAL A 281 -5.50 1.63 -11.24
N LEU A 282 -5.39 0.45 -10.66
CA LEU A 282 -6.19 -0.71 -11.08
C LEU A 282 -7.55 -0.73 -10.42
N LEU A 283 -7.64 -0.23 -9.19
CA LEU A 283 -8.89 -0.27 -8.44
C LEU A 283 -9.84 0.82 -8.90
N THR A 284 -9.30 1.96 -9.31
CA THR A 284 -10.15 3.10 -9.68
C THR A 284 -11.09 2.78 -10.82
N PRO A 285 -10.66 2.17 -11.93
CA PRO A 285 -11.59 1.90 -13.03
C PRO A 285 -12.68 0.93 -12.63
N VAL A 286 -12.39 -0.01 -11.73
CA VAL A 286 -13.40 -0.96 -11.32
C VAL A 286 -14.54 -0.23 -10.65
N LEU A 287 -14.21 0.62 -9.68
CA LEU A 287 -15.24 1.34 -8.95
C LEU A 287 -15.95 2.35 -9.83
N ALA A 288 -15.26 2.93 -10.82
CA ALA A 288 -15.95 3.93 -11.62
C ALA A 288 -16.99 3.25 -12.52
N ASN A 289 -16.68 2.06 -12.98
CA ASN A 289 -17.55 1.27 -13.85
C ASN A 289 -18.57 0.47 -13.09
N ILE A 290 -18.37 0.22 -11.78
CA ILE A 290 -19.39 -0.50 -11.04
C ILE A 290 -20.23 0.44 -10.18
N LEU A 291 -19.93 1.76 -10.24
CA LEU A 291 -20.67 2.74 -9.43
C LEU A 291 -21.25 3.72 -10.51
N GLU A 292 -22.44 3.44 -11.04
CA GLU A 292 -23.14 4.34 -11.95
C GLU A 292 -24.52 3.72 -12.11
N ALA A 293 -25.53 4.61 -12.21
CA ALA A 293 -26.90 4.11 -12.27
C ALA A 293 -27.30 3.55 -13.61
N ASP A 294 -26.68 4.06 -14.66
CA ASP A 294 -27.06 3.66 -16.01
C ASP A 294 -26.48 2.29 -16.29
N GLN A 295 -27.36 1.35 -16.67
CA GLN A 295 -26.91 0.03 -17.15
C GLN A 295 -26.28 0.01 -18.54
N GLU A 296 -26.41 1.11 -19.23
CA GLU A 296 -25.89 1.26 -20.56
C GLU A 296 -24.40 1.13 -20.63
N LYS A 297 -23.73 1.94 -19.78
CA LYS A 297 -22.29 2.06 -19.65
C LYS A 297 -21.56 1.26 -18.56
N CYS A 298 -22.28 0.57 -17.69
CA CYS A 298 -21.79 -0.22 -16.55
C CYS A 298 -21.65 -1.73 -16.63
N TRP A 299 -20.65 -2.25 -15.90
CA TRP A 299 -20.15 -3.60 -16.09
C TRP A 299 -21.10 -4.70 -15.63
N GLY A 300 -20.90 -5.97 -16.16
CA GLY A 300 -21.56 -7.12 -15.62
C GLY A 300 -20.68 -7.88 -14.64
N PHE A 301 -21.27 -8.93 -14.07
CA PHE A 301 -20.52 -9.72 -13.11
C PHE A 301 -19.36 -10.42 -13.75
N ASP A 302 -19.49 -10.67 -15.06
CA ASP A 302 -18.38 -11.34 -15.73
C ASP A 302 -17.20 -10.42 -15.95
N GLN A 303 -17.42 -9.20 -16.47
CA GLN A 303 -16.32 -8.25 -16.55
C GLN A 303 -15.75 -7.98 -15.17
N PHE A 304 -16.65 -7.80 -14.19
CA PHE A 304 -16.23 -7.54 -12.82
C PHE A 304 -15.40 -8.69 -12.28
N PHE A 305 -15.87 -9.92 -12.43
CA PHE A 305 -15.08 -11.02 -11.89
C PHE A 305 -13.76 -11.10 -12.63
N ALA A 306 -13.77 -10.75 -13.92
CA ALA A 306 -12.56 -10.84 -14.73
C ALA A 306 -11.52 -9.78 -14.33
N GLU A 307 -11.94 -8.52 -14.22
CA GLU A 307 -10.95 -7.48 -13.94
C GLU A 307 -10.41 -7.51 -12.52
N THR A 308 -11.22 -7.72 -11.52
CA THR A 308 -10.61 -7.78 -10.19
C THR A 308 -9.74 -9.05 -10.08
N SER A 309 -10.30 -10.22 -10.44
CA SER A 309 -9.48 -11.43 -10.35
C SER A 309 -8.18 -11.19 -11.10
N ASP A 310 -8.22 -10.34 -12.13
CA ASP A 310 -7.02 -9.95 -12.84
C ASP A 310 -6.03 -9.29 -11.89
N ILE A 311 -6.53 -8.43 -11.00
CA ILE A 311 -5.68 -7.73 -10.07
C ILE A 311 -5.08 -8.65 -9.01
N LEU A 312 -5.86 -9.60 -8.49
CA LEU A 312 -5.33 -10.43 -7.40
C LEU A 312 -4.23 -11.38 -7.82
N HIS A 313 -4.27 -11.91 -9.04
CA HIS A 313 -3.25 -12.86 -9.42
C HIS A 313 -1.89 -12.21 -9.65
N ARG A 314 -1.84 -10.90 -9.89
CA ARG A 314 -0.54 -10.31 -10.16
C ARG A 314 0.23 -10.30 -8.85
N MET A 315 1.56 -10.43 -8.91
CA MET A 315 2.26 -10.31 -7.65
C MET A 315 2.84 -8.90 -7.56
N VAL A 316 3.49 -8.60 -6.45
CA VAL A 316 4.03 -7.27 -6.19
C VAL A 316 5.56 -7.32 -6.14
N ILE A 317 6.20 -6.37 -6.79
CA ILE A 317 7.65 -6.18 -6.79
C ILE A 317 7.89 -4.75 -6.32
N HIS A 318 8.60 -4.63 -5.20
CA HIS A 318 8.86 -3.42 -4.46
C HIS A 318 10.05 -2.69 -5.04
N VAL A 319 9.82 -1.41 -5.33
CA VAL A 319 10.75 -0.53 -6.03
C VAL A 319 10.86 0.78 -5.29
N PHE A 320 12.08 1.14 -4.94
CA PHE A 320 12.41 2.40 -4.29
C PHE A 320 13.25 3.27 -5.23
N SER A 321 12.72 4.41 -5.65
CA SER A 321 13.47 5.29 -6.53
C SER A 321 14.35 6.07 -5.56
N LEU A 322 15.66 5.80 -5.60
CA LEU A 322 16.56 6.44 -4.67
C LEU A 322 16.75 7.93 -4.91
N GLN A 323 16.70 8.41 -6.12
CA GLN A 323 16.88 9.83 -6.30
C GLN A 323 15.75 10.69 -5.69
N GLN A 324 14.50 10.24 -5.91
CA GLN A 324 13.32 10.96 -5.50
C GLN A 324 12.78 10.50 -4.13
N MET A 325 13.36 9.46 -3.57
CA MET A 325 12.90 8.93 -2.25
C MET A 325 11.42 8.48 -2.18
N THR A 326 10.97 7.73 -3.14
CA THR A 326 9.58 7.26 -3.19
C THR A 326 9.68 5.75 -3.37
N ALA A 327 8.92 5.02 -2.56
CA ALA A 327 8.77 3.58 -2.65
C ALA A 327 7.60 3.24 -3.56
N HIS A 328 7.69 2.11 -4.23
CA HIS A 328 6.69 1.75 -5.22
C HIS A 328 6.40 0.26 -5.14
N LYS A 329 5.16 -0.07 -5.47
CA LYS A 329 4.68 -1.44 -5.57
C LYS A 329 4.15 -1.65 -6.97
N ILE A 330 4.87 -2.44 -7.77
CA ILE A 330 4.47 -2.67 -9.14
C ILE A 330 3.76 -4.01 -9.19
N TYR A 331 2.52 -4.00 -9.64
CA TYR A 331 1.70 -5.20 -9.71
C TYR A 331 1.84 -5.78 -11.11
N ILE A 332 2.41 -6.97 -11.20
CA ILE A 332 2.68 -7.61 -12.46
C ILE A 332 2.24 -9.06 -12.41
N HIS A 333 1.72 -9.57 -13.51
CA HIS A 333 1.47 -10.99 -13.60
C HIS A 333 2.82 -11.69 -13.66
N SER A 334 2.85 -12.95 -13.22
CA SER A 334 4.11 -13.65 -13.16
C SER A 334 4.66 -13.99 -14.54
N TYR A 335 3.79 -14.06 -15.54
CA TYR A 335 4.19 -14.39 -16.91
C TYR A 335 4.54 -13.17 -17.74
N ASN A 336 4.44 -11.97 -17.18
CA ASN A 336 4.76 -10.77 -17.93
C ASN A 336 6.27 -10.59 -18.05
N THR A 337 6.66 -9.74 -18.99
CA THR A 337 8.08 -9.57 -19.23
C THR A 337 8.61 -8.36 -18.46
N ALA A 338 9.93 -8.19 -18.51
CA ALA A 338 10.58 -7.03 -17.92
C ALA A 338 10.47 -5.76 -18.75
N THR A 339 9.99 -5.82 -20.00
CA THR A 339 9.83 -4.58 -20.75
C THR A 339 8.63 -3.77 -20.30
N ILE A 340 7.47 -4.43 -20.16
CA ILE A 340 6.29 -3.75 -19.62
C ILE A 340 6.56 -3.36 -18.18
N PHE A 341 7.42 -4.12 -17.49
CA PHE A 341 7.75 -3.78 -16.12
C PHE A 341 8.47 -2.44 -16.08
N HIS A 342 9.46 -2.25 -16.96
CA HIS A 342 10.10 -0.94 -17.01
C HIS A 342 9.10 0.13 -17.43
N GLU A 343 8.18 -0.24 -18.33
CA GLU A 343 7.19 0.72 -18.81
C GLU A 343 6.22 1.08 -17.69
N LEU A 344 5.74 0.08 -16.94
CA LEU A 344 4.81 0.39 -15.85
C LEU A 344 5.53 1.20 -14.79
N VAL A 345 6.80 0.89 -14.56
CA VAL A 345 7.60 1.68 -13.64
C VAL A 345 7.67 3.11 -14.16
N TYR A 346 7.71 3.26 -15.48
CA TYR A 346 7.67 4.61 -16.06
C TYR A 346 6.36 5.27 -15.69
N LYS A 347 5.27 4.51 -15.60
CA LYS A 347 4.00 5.15 -15.26
C LYS A 347 4.04 5.71 -13.85
N GLN A 348 4.82 5.13 -12.93
CA GLN A 348 4.85 5.69 -11.58
C GLN A 348 6.06 6.59 -11.36
N THR A 349 7.26 6.21 -11.84
CA THR A 349 8.41 7.08 -11.63
C THR A 349 8.69 7.95 -12.84
N LYS A 350 8.05 7.65 -13.98
CA LYS A 350 8.21 8.43 -15.21
C LYS A 350 9.66 8.48 -15.66
N ILE A 351 10.31 7.33 -15.62
CA ILE A 351 11.69 7.19 -16.04
C ILE A 351 11.65 6.22 -17.21
N ILE A 352 12.27 6.61 -18.33
CA ILE A 352 12.28 5.74 -19.49
C ILE A 352 13.08 4.47 -19.20
N SER A 353 12.62 3.38 -19.79
CA SER A 353 13.16 2.05 -19.54
C SER A 353 14.65 1.95 -19.82
N SER A 354 15.17 2.64 -20.84
CA SER A 354 16.60 2.45 -21.07
C SER A 354 17.53 3.16 -20.08
N ASN A 355 17.08 4.16 -19.31
CA ASN A 355 17.98 4.75 -18.31
C ASN A 355 17.71 4.15 -16.93
N GLN A 356 16.69 3.29 -16.79
CA GLN A 356 16.37 2.73 -15.49
C GLN A 356 17.40 1.65 -15.18
N GLU A 357 18.11 1.84 -14.06
CA GLU A 357 19.17 0.93 -13.62
C GLU A 357 18.84 0.44 -12.21
N LEU A 358 18.84 -0.85 -12.06
CA LEU A 358 18.39 -1.55 -10.86
C LEU A 358 19.60 -1.97 -10.06
N ILE A 359 19.48 -1.95 -8.74
CA ILE A 359 20.48 -2.40 -7.79
C ILE A 359 19.77 -3.30 -6.80
N TYR A 360 20.38 -4.39 -6.39
CA TYR A 360 19.73 -5.32 -5.49
C TYR A 360 20.79 -5.95 -4.59
N GLU A 361 20.59 -5.86 -3.28
CA GLU A 361 21.47 -6.54 -2.27
C GLU A 361 22.86 -6.11 -2.52
N GLY A 362 22.83 -4.83 -2.75
CA GLY A 362 23.97 -4.04 -3.03
C GLY A 362 24.69 -4.41 -4.32
N ARG A 363 24.22 -5.14 -5.27
CA ARG A 363 25.05 -5.38 -6.47
C ARG A 363 24.20 -4.84 -7.61
N ARG A 364 24.78 -4.36 -8.74
CA ARG A 364 23.90 -3.89 -9.84
C ARG A 364 23.11 -5.10 -10.35
N LEU A 365 21.97 -4.88 -10.95
CA LEU A 365 21.17 -5.98 -11.40
C LEU A 365 20.77 -5.78 -12.84
N VAL A 366 21.16 -6.81 -13.62
CA VAL A 366 20.94 -6.96 -15.06
C VAL A 366 19.63 -7.70 -15.28
N LEU A 367 18.70 -7.12 -16.07
CA LEU A 367 17.43 -7.84 -16.25
C LEU A 367 17.31 -8.02 -17.77
N GLU A 368 17.16 -9.23 -18.29
CA GLU A 368 17.02 -9.35 -19.76
C GLU A 368 15.65 -8.79 -20.14
N PRO A 369 15.50 -8.14 -21.31
CA PRO A 369 14.17 -7.57 -21.64
C PRO A 369 13.04 -8.58 -21.70
N GLY A 370 13.34 -9.88 -21.78
CA GLY A 370 12.30 -10.88 -21.94
C GLY A 370 12.19 -11.87 -20.79
N ARG A 371 12.73 -11.49 -19.63
CA ARG A 371 12.74 -12.35 -18.45
C ARG A 371 11.39 -12.30 -17.77
N LEU A 372 10.84 -13.48 -17.44
CA LEU A 372 9.54 -13.55 -16.79
C LEU A 372 9.64 -13.04 -15.36
N ALA A 373 8.50 -12.60 -14.81
CA ALA A 373 8.48 -12.09 -13.45
C ALA A 373 8.55 -13.18 -12.38
N GLN A 374 8.25 -14.43 -12.71
CA GLN A 374 8.35 -15.46 -11.68
C GLN A 374 9.78 -15.61 -11.21
N HIS A 375 10.75 -15.39 -12.10
CA HIS A 375 12.15 -15.62 -11.77
C HIS A 375 12.85 -14.35 -11.30
N PHE A 376 12.12 -13.28 -11.00
CA PHE A 376 12.71 -12.08 -10.46
C PHE A 376 13.14 -12.45 -9.03
N PRO A 377 14.17 -11.71 -8.46
CA PRO A 377 14.65 -12.08 -7.11
C PRO A 377 13.48 -11.66 -6.16
N LYS A 378 13.48 -12.27 -4.99
CA LYS A 378 12.41 -12.03 -3.98
C LYS A 378 12.64 -10.68 -3.33
N THR A 379 11.60 -9.85 -3.31
CA THR A 379 11.73 -8.48 -2.85
C THR A 379 10.64 -8.09 -1.86
N THR A 380 11.05 -7.29 -0.88
CA THR A 380 10.14 -6.73 0.11
C THR A 380 10.30 -5.22 0.19
N GLU A 381 9.38 -4.60 0.92
CA GLU A 381 9.45 -3.17 1.12
C GLU A 381 10.65 -2.77 1.97
N GLU A 382 11.20 -3.67 2.79
CA GLU A 382 12.41 -3.34 3.50
C GLU A 382 13.67 -3.80 2.80
N ASN A 383 13.52 -4.50 1.67
CA ASN A 383 14.66 -4.87 0.82
C ASN A 383 14.20 -4.93 -0.62
N PRO A 384 13.96 -3.80 -1.24
CA PRO A 384 13.40 -3.81 -2.60
C PRO A 384 14.48 -3.74 -3.68
N ILE A 385 14.04 -3.42 -4.91
CA ILE A 385 14.95 -3.17 -6.03
C ILE A 385 14.98 -1.66 -6.20
N PHE A 386 16.18 -1.10 -5.99
CA PHE A 386 16.38 0.33 -6.08
C PHE A 386 16.42 0.75 -7.54
N VAL A 387 16.05 2.00 -7.84
CA VAL A 387 16.06 2.48 -9.22
C VAL A 387 16.89 3.75 -9.24
N VAL A 388 17.97 3.75 -10.01
CA VAL A 388 18.77 4.94 -10.20
C VAL A 388 18.82 5.37 -11.65
N SER A 389 18.91 6.69 -11.85
CA SER A 389 18.91 7.25 -13.18
C SER A 389 20.10 8.20 -13.26
N ARG A 390 20.74 8.27 -14.42
CA ARG A 390 21.79 9.27 -14.61
C ARG A 390 21.18 10.67 -14.75
N GLU A 391 20.02 10.76 -15.40
CA GLU A 391 19.40 12.06 -15.67
C GLU A 391 18.78 12.60 -14.38
N PRO A 392 18.84 13.92 -14.17
CA PRO A 392 18.28 14.51 -12.96
C PRO A 392 16.78 14.32 -12.82
N LEU A 393 16.37 14.11 -11.57
CA LEU A 393 14.99 13.90 -11.18
C LEU A 393 14.74 14.65 -9.88
N ASN A 394 13.57 15.27 -9.78
CA ASN A 394 13.28 16.02 -8.56
C ASN A 394 13.03 15.06 -7.41
N THR A 395 13.39 15.45 -6.19
CA THR A 395 13.12 14.65 -5.00
C THR A 395 11.77 15.08 -4.39
N ILE A 396 10.80 14.17 -4.45
CA ILE A 396 9.45 14.39 -3.91
C ILE A 396 9.27 13.97 -2.45
N GLY A 397 9.73 12.76 -2.09
CA GLY A 397 9.52 12.22 -0.76
C GLY A 397 8.10 11.69 -0.58
N LEU A 398 7.74 11.37 0.66
CA LEU A 398 6.39 10.93 0.93
C LEU A 398 5.48 12.12 0.98
N ILE A 399 4.44 12.17 0.20
CA ILE A 399 3.52 13.31 0.30
C ILE A 399 2.20 12.78 0.86
N TYR A 400 1.84 13.14 2.05
CA TYR A 400 0.70 12.68 2.79
C TYR A 400 -0.08 13.89 3.25
N GLU A 401 -1.31 13.66 3.61
CA GLU A 401 -2.20 14.76 3.96
C GLU A 401 -2.14 15.06 5.42
N LYS A 402 -1.73 16.27 5.71
CA LYS A 402 -1.60 16.83 7.02
C LYS A 402 -2.96 17.07 7.63
N ILE A 403 -3.21 16.35 8.71
CA ILE A 403 -4.47 16.35 9.40
C ILE A 403 -4.21 16.72 10.84
N SER A 404 -4.94 17.70 11.32
CA SER A 404 -4.82 18.17 12.69
C SER A 404 -5.92 17.56 13.53
N LEU A 405 -5.82 17.77 14.79
CA LEU A 405 -6.77 17.22 15.73
C LEU A 405 -8.07 18.03 15.72
N PRO A 406 -9.19 17.37 16.00
CA PRO A 406 -10.47 18.08 16.09
C PRO A 406 -10.74 18.66 17.48
N LYS A 407 -11.72 19.55 17.50
CA LYS A 407 -12.09 20.25 18.73
C LYS A 407 -12.80 19.32 19.69
N VAL A 408 -12.42 19.42 20.95
CA VAL A 408 -12.99 18.62 22.02
C VAL A 408 -13.99 19.48 22.77
N HIS A 409 -15.25 19.11 22.68
CA HIS A 409 -16.25 19.92 23.35
C HIS A 409 -16.40 19.47 24.80
N PRO A 410 -16.65 20.38 25.74
CA PRO A 410 -16.80 19.94 27.14
C PRO A 410 -18.12 19.25 27.42
N ARG A 411 -18.98 19.10 26.41
CA ARG A 411 -20.28 18.47 26.61
C ARG A 411 -20.06 17.01 26.97
N TYR A 412 -20.93 16.48 27.81
CA TYR A 412 -20.80 15.09 28.23
C TYR A 412 -21.43 14.11 27.26
N ASP A 413 -21.91 14.54 26.09
CA ASP A 413 -22.59 13.56 25.25
C ASP A 413 -21.62 12.38 25.08
N LEU A 414 -21.96 11.25 25.66
CA LEU A 414 -21.18 10.04 25.59
C LEU A 414 -21.11 9.55 24.14
N ASP A 415 -22.26 9.65 23.43
CA ASP A 415 -22.27 9.26 22.01
C ASP A 415 -21.34 10.17 21.22
N GLY A 416 -21.38 11.47 21.52
CA GLY A 416 -20.50 12.40 20.83
C GLY A 416 -19.06 12.18 21.24
N ASP A 417 -18.84 11.86 22.51
CA ASP A 417 -17.49 11.59 23.00
C ASP A 417 -16.93 10.31 22.40
N ALA A 418 -17.80 9.38 22.01
CA ALA A 418 -17.33 8.14 21.41
C ALA A 418 -16.90 8.34 19.96
N SER A 419 -17.71 9.04 19.16
CA SER A 419 -17.33 9.32 17.79
C SER A 419 -16.08 10.21 17.73
N MET A 420 -15.99 11.18 18.64
CA MET A 420 -14.81 12.04 18.67
C MET A 420 -13.57 11.24 19.04
N ALA A 421 -13.74 10.19 19.86
CA ALA A 421 -12.62 9.35 20.24
C ALA A 421 -12.11 8.57 19.05
N LYS A 422 -13.01 7.99 18.26
CA LYS A 422 -12.60 7.29 17.06
C LYS A 422 -11.88 8.22 16.10
N ALA A 423 -12.38 9.45 15.96
CA ALA A 423 -11.79 10.37 15.00
C ALA A 423 -10.40 10.81 15.42
N ILE A 424 -10.27 11.32 16.65
CA ILE A 424 -9.00 11.87 17.08
C ILE A 424 -7.94 10.80 17.24
N THR A 425 -8.35 9.58 17.57
CA THR A 425 -7.38 8.50 17.71
C THR A 425 -6.96 8.00 16.34
N GLY A 426 -7.90 7.97 15.39
CA GLY A 426 -7.58 7.57 14.04
C GLY A 426 -6.58 8.49 13.38
N VAL A 427 -6.65 9.78 13.68
CA VAL A 427 -5.71 10.74 13.11
C VAL A 427 -4.29 10.45 13.57
N VAL A 428 -4.11 10.18 14.86
CA VAL A 428 -2.77 9.88 15.37
C VAL A 428 -2.31 8.53 14.84
N CYS A 429 -3.25 7.58 14.64
CA CYS A 429 -2.86 6.32 13.99
C CYS A 429 -2.28 6.61 12.62
N TYR A 430 -2.92 7.52 11.88
CA TYR A 430 -2.39 7.89 10.57
C TYR A 430 -1.01 8.50 10.72
N ALA A 431 -0.87 9.42 11.66
CA ALA A 431 0.42 10.06 11.89
C ALA A 431 1.48 9.05 12.27
N CYS A 432 1.12 8.07 13.11
CA CYS A 432 2.10 7.06 13.48
C CYS A 432 2.46 6.11 12.32
N ARG A 433 1.52 5.77 11.44
CA ARG A 433 1.93 4.97 10.29
C ARG A 433 2.90 5.72 9.39
N ILE A 434 2.59 6.98 9.07
CA ILE A 434 3.50 7.75 8.23
C ILE A 434 4.84 7.90 8.93
N ALA A 435 4.82 8.19 10.22
CA ALA A 435 6.08 8.31 10.92
C ALA A 435 6.86 7.02 10.82
N SER A 436 6.16 5.89 10.79
CA SER A 436 6.84 4.61 10.59
C SER A 436 7.30 4.47 9.15
N THR A 437 6.57 5.06 8.20
CA THR A 437 7.00 5.03 6.80
C THR A 437 8.18 5.95 6.56
N LEU A 438 8.18 7.12 7.21
CA LEU A 438 9.29 8.05 6.99
C LEU A 438 10.59 7.43 7.49
N LEU A 439 10.55 6.73 8.61
CA LEU A 439 11.77 6.11 9.12
C LEU A 439 12.24 5.02 8.17
N LEU A 440 11.31 4.30 7.55
CA LEU A 440 11.68 3.30 6.58
C LEU A 440 12.40 3.93 5.41
N TYR A 441 11.81 4.99 4.86
CA TYR A 441 12.41 5.67 3.73
C TYR A 441 13.84 6.13 4.01
N GLN A 442 14.10 6.68 5.20
CA GLN A 442 15.43 7.16 5.51
C GLN A 442 16.44 6.03 5.61
N GLU A 443 16.07 4.95 6.34
CA GLU A 443 16.96 3.83 6.49
C GLU A 443 17.22 3.18 5.17
N LEU A 444 16.17 3.22 4.28
CA LEU A 444 16.37 2.70 2.95
C LEU A 444 17.25 3.61 2.11
N MET A 445 17.07 4.95 2.28
CA MET A 445 17.89 5.90 1.56
C MET A 445 19.34 5.69 1.97
N ARG A 446 19.54 5.57 3.29
CA ARG A 446 20.90 5.40 3.84
C ARG A 446 21.60 4.21 3.31
N LYS A 447 20.97 3.07 3.21
CA LYS A 447 21.66 1.97 2.60
C LYS A 447 21.90 2.20 1.08
N GLY A 448 20.76 2.58 0.36
CA GLY A 448 20.96 2.71 -1.09
C GLY A 448 22.06 3.69 -1.44
N ILE A 449 22.29 4.67 -0.59
CA ILE A 449 23.39 5.59 -0.85
C ILE A 449 24.72 4.94 -0.54
N ARG A 450 24.81 4.26 0.59
CA ARG A 450 26.08 3.62 0.93
C ARG A 450 26.50 2.57 -0.10
N TRP A 451 25.50 1.82 -0.65
CA TRP A 451 25.82 0.84 -1.67
C TRP A 451 26.20 1.45 -2.99
N LEU A 452 25.55 2.53 -3.34
CA LEU A 452 25.78 3.13 -4.64
C LEU A 452 27.18 3.61 -4.80
N ILE A 453 27.74 4.29 -3.80
CA ILE A 453 29.11 4.73 -3.97
C ILE A 453 30.08 3.60 -4.06
N GLU A 454 29.84 2.48 -3.39
CA GLU A 454 30.84 1.42 -3.51
C GLU A 454 30.72 0.75 -4.89
N LEU A 455 29.52 0.82 -5.43
CA LEU A 455 29.32 0.33 -6.79
C LEU A 455 29.91 1.27 -7.82
N ILE A 456 29.73 2.58 -7.66
CA ILE A 456 30.40 3.47 -8.61
C ILE A 456 31.91 3.47 -8.45
N LYS A 457 32.43 3.31 -7.24
CA LYS A 457 33.87 3.16 -7.15
C LYS A 457 34.30 1.87 -7.84
N ASP A 458 33.47 0.85 -7.86
CA ASP A 458 33.88 -0.33 -8.61
C ASP A 458 34.03 0.08 -10.07
N ASP A 459 33.19 1.02 -10.52
CA ASP A 459 33.40 1.58 -11.86
C ASP A 459 34.76 2.29 -11.92
N TYR A 460 35.14 2.92 -10.80
CA TYR A 460 36.46 3.53 -10.68
C TYR A 460 37.57 2.51 -10.52
N ASN A 461 37.24 1.37 -9.90
CA ASN A 461 38.24 0.34 -9.69
C ASN A 461 38.55 -0.27 -11.05
N GLU A 462 37.52 -0.28 -11.88
CA GLU A 462 37.48 -0.73 -13.25
C GLU A 462 38.00 0.23 -14.30
N THR A 463 37.90 1.53 -14.13
CA THR A 463 38.51 2.38 -15.13
C THR A 463 40.05 2.43 -15.17
N VAL A 464 40.72 2.54 -14.02
CA VAL A 464 42.18 2.44 -14.00
C VAL A 464 42.46 1.02 -14.44
N HIS A 465 41.58 0.14 -13.97
CA HIS A 465 41.54 -1.30 -14.26
C HIS A 465 41.92 -1.65 -15.66
N LYS A 466 41.05 -1.23 -16.55
CA LYS A 466 41.06 -1.33 -17.97
C LYS A 466 42.07 -0.41 -18.57
N LYS A 467 42.41 0.66 -17.82
CA LYS A 467 43.44 1.61 -18.20
C LYS A 467 44.83 1.00 -18.10
N THR A 468 45.05 0.16 -17.09
CA THR A 468 46.35 -0.48 -16.94
C THR A 468 46.69 -1.34 -18.15
N GLU A 469 45.71 -1.90 -18.82
CA GLU A 469 45.97 -2.62 -20.04
C GLU A 469 46.62 -1.67 -21.04
N VAL A 470 46.11 -0.42 -21.12
CA VAL A 470 46.68 0.53 -22.09
C VAL A 470 48.02 1.08 -21.65
N VAL A 471 48.22 1.26 -20.35
CA VAL A 471 49.41 1.99 -19.96
C VAL A 471 50.72 1.28 -20.18
N ILE A 472 50.94 0.11 -19.66
CA ILE A 472 52.22 -0.51 -19.96
C ILE A 472 52.38 -0.86 -21.50
N THR A 473 51.31 -1.35 -22.14
CA THR A 473 51.54 -1.61 -23.57
C THR A 473 51.98 -0.32 -24.23
N LEU A 474 51.31 0.80 -23.92
CA LEU A 474 51.74 2.05 -24.54
C LEU A 474 53.17 2.40 -24.15
N ASP A 475 53.49 2.59 -22.88
CA ASP A 475 54.83 3.03 -22.56
C ASP A 475 55.90 2.18 -23.24
N PHE A 476 55.76 0.81 -23.11
CA PHE A 476 56.89 0.07 -23.72
C PHE A 476 56.87 0.25 -25.24
N CYS A 477 55.69 0.35 -25.82
CA CYS A 477 55.56 0.48 -27.26
C CYS A 477 56.28 1.74 -27.72
N ILE A 478 56.22 2.83 -26.93
CA ILE A 478 56.93 4.01 -27.37
C ILE A 478 58.43 3.78 -27.38
N ARG A 479 58.94 3.03 -26.39
CA ARG A 479 60.38 2.79 -26.32
C ARG A 479 60.90 1.92 -27.46
N ASN A 480 60.13 0.91 -27.88
CA ASN A 480 60.63 0.09 -28.98
C ASN A 480 60.86 1.00 -30.17
N ILE A 481 59.97 1.97 -30.34
CA ILE A 481 60.10 2.90 -31.44
C ILE A 481 61.15 3.93 -31.06
N GLU A 482 61.30 4.23 -29.75
CA GLU A 482 62.37 5.12 -29.34
C GLU A 482 63.72 4.44 -29.32
N LYS A 483 63.77 3.13 -29.23
CA LYS A 483 65.05 2.46 -29.40
C LYS A 483 65.40 2.17 -30.84
N THR A 484 64.45 1.84 -31.69
CA THR A 484 64.86 1.48 -33.01
C THR A 484 65.58 2.66 -33.66
N VAL A 485 65.42 3.92 -33.13
CA VAL A 485 66.21 4.90 -33.86
C VAL A 485 67.69 4.66 -33.50
N LYS A 486 68.04 4.11 -32.35
CA LYS A 486 69.45 3.86 -32.13
C LYS A 486 69.88 2.54 -32.81
N VAL A 487 68.94 1.56 -32.92
CA VAL A 487 69.35 0.29 -33.50
C VAL A 487 69.73 0.56 -34.96
N TYR A 488 69.01 1.51 -35.58
CA TYR A 488 69.13 1.96 -36.94
C TYR A 488 68.98 3.47 -37.12
N ALA A 498 66.83 9.95 -42.55
CA ALA A 498 66.43 11.29 -42.94
C ALA A 498 64.94 11.36 -43.25
N ALA A 499 64.42 10.43 -44.06
CA ALA A 499 63.00 10.54 -44.35
C ALA A 499 62.12 10.04 -43.21
N GLU A 500 62.20 8.76 -42.86
CA GLU A 500 61.37 8.30 -41.74
C GLU A 500 61.83 8.91 -40.42
N LEU A 501 63.10 9.24 -40.25
CA LEU A 501 63.50 9.76 -38.95
C LEU A 501 62.78 11.06 -38.65
N GLY A 502 62.50 11.89 -39.66
CA GLY A 502 61.75 13.09 -39.33
C GLY A 502 60.34 12.77 -38.88
N GLU A 503 59.62 11.85 -39.53
CA GLU A 503 58.34 11.56 -38.92
C GLU A 503 58.48 10.57 -37.74
N ILE A 504 59.51 9.68 -37.74
CA ILE A 504 59.51 8.75 -36.58
C ILE A 504 59.37 9.62 -35.35
N SER A 505 60.10 10.70 -35.29
CA SER A 505 59.97 11.60 -34.15
C SER A 505 58.50 12.12 -34.10
N ASP A 506 57.95 12.51 -35.24
CA ASP A 506 56.59 13.00 -35.20
C ASP A 506 55.58 11.97 -34.70
N ILE A 507 55.73 10.70 -35.04
CA ILE A 507 54.82 9.74 -34.42
C ILE A 507 55.16 9.73 -32.93
N HIS A 508 56.47 9.76 -32.65
CA HIS A 508 56.99 9.77 -31.29
C HIS A 508 56.41 10.95 -30.51
N THR A 509 56.27 12.11 -31.15
CA THR A 509 55.65 13.22 -30.43
C THR A 509 54.22 12.83 -30.09
N LYS A 510 53.45 12.39 -31.10
CA LYS A 510 52.08 11.98 -30.83
C LYS A 510 52.00 10.87 -29.78
N LEU A 511 52.89 9.87 -29.81
CA LEU A 511 52.76 8.87 -28.73
C LEU A 511 52.99 9.55 -27.39
N LEU A 512 53.80 10.55 -27.25
CA LEU A 512 53.85 11.17 -25.95
C LEU A 512 52.63 12.09 -25.80
N ARG A 513 52.11 12.61 -26.97
CA ARG A 513 50.89 13.42 -26.84
C ARG A 513 49.82 12.58 -26.15
N LEU A 514 49.77 11.28 -26.46
CA LEU A 514 48.73 10.45 -25.82
C LEU A 514 49.22 9.94 -24.47
N SER A 515 50.50 9.56 -24.36
CA SER A 515 50.98 9.11 -23.05
C SER A 515 50.89 10.27 -22.08
N SER A 516 51.01 11.49 -22.61
CA SER A 516 50.84 12.70 -21.82
C SER A 516 49.38 12.85 -21.41
N SER A 517 48.45 12.74 -22.39
CA SER A 517 47.03 12.76 -22.05
C SER A 517 46.66 11.60 -21.15
N GLN A 518 47.37 10.47 -21.28
CA GLN A 518 47.15 9.41 -20.32
C GLN A 518 47.60 9.96 -19.00
N GLY A 519 48.55 10.88 -19.13
CA GLY A 519 49.01 11.57 -17.99
C GLY A 519 48.10 12.67 -17.58
N THR A 520 47.35 13.37 -18.48
CA THR A 520 46.43 14.42 -17.99
C THR A 520 45.17 13.90 -17.27
N ILE A 521 44.46 12.93 -17.80
CA ILE A 521 43.29 12.39 -17.08
C ILE A 521 43.67 11.65 -15.78
N GLU A 522 44.83 10.97 -15.75
CA GLU A 522 45.29 10.16 -14.62
C GLU A 522 45.20 10.97 -13.35
N THR A 523 45.39 12.28 -13.48
CA THR A 523 45.39 13.17 -12.36
C THR A 523 44.03 13.47 -11.86
N SER A 524 43.13 13.54 -12.81
CA SER A 524 41.73 13.78 -12.54
C SER A 524 41.02 12.60 -11.92
N LEU A 525 41.46 11.36 -12.18
CA LEU A 525 40.79 10.24 -11.52
C LEU A 525 41.12 10.06 -10.04
N GLN A 526 42.37 10.30 -9.63
CA GLN A 526 42.69 10.26 -8.20
C GLN A 526 41.97 11.37 -7.45
N ASP A 527 41.65 12.47 -8.15
CA ASP A 527 40.86 13.54 -7.55
C ASP A 527 39.46 13.07 -7.25
N ILE A 528 38.86 12.29 -8.15
CA ILE A 528 37.59 11.65 -7.86
C ILE A 528 37.75 10.65 -6.72
N ASP A 529 38.87 9.91 -6.72
CA ASP A 529 39.15 9.00 -5.62
C ASP A 529 39.24 9.71 -4.27
N SER A 530 39.71 10.96 -4.25
CA SER A 530 39.69 11.64 -2.96
C SER A 530 38.28 11.90 -2.45
N ARG A 531 37.32 12.18 -3.32
CA ARG A 531 35.93 12.31 -2.87
C ARG A 531 35.32 10.96 -2.56
N LEU A 532 35.63 9.91 -3.33
CA LEU A 532 35.02 8.64 -2.98
C LEU A 532 35.53 8.14 -1.64
N SER A 533 36.65 8.67 -1.19
CA SER A 533 37.20 8.31 0.11
C SER A 533 36.37 8.93 1.23
N PRO A 534 36.35 8.31 2.41
CA PRO A 534 35.62 8.88 3.54
C PRO A 534 36.07 10.32 3.78
N GLY A 535 35.10 11.20 3.98
CA GLY A 535 35.37 12.62 4.11
C GLY A 535 35.64 13.29 2.79
N GLY A 536 35.36 12.63 1.67
CA GLY A 536 35.62 13.17 0.36
C GLY A 536 34.43 13.92 -0.20
N SER A 537 33.65 14.55 0.65
CA SER A 537 32.53 15.39 0.25
C SER A 537 31.39 14.61 -0.38
N LEU A 538 31.54 13.30 -0.58
CA LEU A 538 30.44 12.45 -1.04
C LEU A 538 30.04 11.40 -0.01
N ALA A 539 30.69 11.37 1.16
CA ALA A 539 30.38 10.35 2.15
C ALA A 539 28.95 10.50 2.62
N ASP A 540 28.40 9.41 3.11
CA ASP A 540 27.05 9.42 3.65
C ASP A 540 26.98 9.76 5.13
N ALA A 541 28.04 10.36 5.68
CA ALA A 541 28.04 10.61 7.12
C ALA A 541 26.91 11.55 7.48
N TRP A 542 26.52 12.40 6.56
CA TRP A 542 25.40 13.32 6.78
C TRP A 542 24.13 12.53 7.04
N ALA A 543 23.94 11.43 6.29
CA ALA A 543 22.75 10.60 6.41
C ALA A 543 22.72 9.85 7.72
N HIS A 544 23.88 9.65 8.31
CA HIS A 544 23.93 9.01 9.61
C HIS A 544 23.78 9.99 10.75
N GLN A 545 23.24 11.19 10.46
CA GLN A 545 23.19 12.15 11.54
C GLN A 545 21.90 12.93 11.55
N GLU A 546 21.50 13.45 10.40
CA GLU A 546 20.44 14.46 10.36
C GLU A 546 19.08 13.86 10.69
N GLY A 547 18.70 12.79 9.99
CA GLY A 547 17.36 12.24 10.14
C GLY A 547 17.16 11.47 11.43
N THR A 548 16.11 10.67 11.46
CA THR A 548 15.83 9.83 12.61
C THR A 548 16.20 8.38 12.35
N HIS A 549 16.35 7.65 13.44
CA HIS A 549 16.79 6.27 13.43
C HIS A 549 15.89 5.45 14.32
N PRO A 550 15.83 4.14 14.11
CA PRO A 550 15.09 3.29 15.07
C PRO A 550 15.64 3.38 16.47
N LYS A 551 16.87 3.85 16.63
CA LYS A 551 17.42 4.11 17.97
C LYS A 551 16.64 5.21 18.65
N ASP A 552 16.07 6.14 17.89
CA ASP A 552 15.31 7.22 18.49
C ASP A 552 14.02 6.68 19.08
N ARG A 553 13.54 5.57 18.53
CA ARG A 553 12.33 4.91 18.99
C ARG A 553 11.14 5.83 18.93
N ASN A 554 11.12 6.70 17.93
CA ASN A 554 10.02 7.65 17.84
C ASN A 554 8.67 7.02 17.55
N VAL A 555 8.62 5.95 16.76
CA VAL A 555 7.33 5.30 16.48
C VAL A 555 6.76 4.54 17.66
N GLU A 556 7.61 3.89 18.43
CA GLU A 556 7.12 3.16 19.59
C GLU A 556 6.56 4.13 20.61
N LYS A 557 7.20 5.30 20.72
CA LYS A 557 6.72 6.31 21.65
C LYS A 557 5.30 6.74 21.29
N LEU A 558 5.00 6.94 20.00
CA LEU A 558 3.63 7.35 19.71
C LEU A 558 2.64 6.21 19.93
N GLN A 559 3.04 4.95 19.71
CA GLN A 559 2.05 3.90 19.92
C GLN A 559 1.72 3.76 21.39
N VAL A 560 2.65 4.08 22.28
CA VAL A 560 2.34 4.02 23.70
C VAL A 560 1.20 4.98 24.00
N LEU A 561 1.37 6.24 23.65
CA LEU A 561 0.30 7.19 23.88
C LEU A 561 -0.95 6.84 23.08
N LEU A 562 -0.78 6.25 21.90
CA LEU A 562 -1.97 5.92 21.11
C LEU A 562 -2.72 4.74 21.71
N ASN A 563 -2.04 3.80 22.36
CA ASN A 563 -2.76 2.71 23.03
C ASN A 563 -3.54 3.26 24.23
N CYS A 564 -2.93 4.17 24.97
CA CYS A 564 -3.66 4.81 26.07
C CYS A 564 -4.96 5.38 25.56
N MET A 565 -4.94 5.98 24.38
CA MET A 565 -6.14 6.60 23.84
C MET A 565 -7.20 5.61 23.36
N THR A 566 -6.80 4.51 22.69
CA THR A 566 -7.81 3.57 22.19
C THR A 566 -8.58 2.84 23.30
N GLU A 567 -7.94 2.44 24.39
CA GLU A 567 -8.70 1.80 25.46
C GLU A 567 -9.75 2.77 25.96
N ILE A 568 -9.38 4.06 26.04
CA ILE A 568 -10.38 5.05 26.43
C ILE A 568 -11.47 5.05 25.37
N TYR A 569 -11.09 4.90 24.10
CA TYR A 569 -12.08 4.87 23.03
C TYR A 569 -13.03 3.70 23.21
N TYR A 570 -12.47 2.49 23.30
CA TYR A 570 -13.29 1.30 23.48
C TYR A 570 -14.07 1.34 24.77
N GLN A 571 -13.59 2.12 25.74
CA GLN A 571 -14.32 2.31 26.99
C GLN A 571 -15.54 3.21 26.78
N PHE A 572 -15.39 4.26 25.97
CA PHE A 572 -16.56 5.11 25.74
C PHE A 572 -17.65 4.40 24.97
N LYS A 573 -17.30 3.46 24.08
CA LYS A 573 -18.33 2.60 23.50
C LYS A 573 -19.04 1.82 24.59
N LYS A 574 -18.26 1.30 25.56
CA LYS A 574 -18.86 0.52 26.63
C LYS A 574 -19.77 1.41 27.47
N ASP A 575 -19.41 2.68 27.63
CA ASP A 575 -20.25 3.62 28.37
C ASP A 575 -21.43 4.06 27.53
N LYS A 576 -21.26 4.11 26.21
CA LYS A 576 -22.38 4.45 25.34
C LYS A 576 -23.42 3.33 25.41
N ALA A 577 -22.97 2.08 25.50
CA ALA A 577 -23.90 0.95 25.54
C ALA A 577 -24.75 1.02 26.80
N GLU A 578 -24.24 1.62 27.87
CA GLU A 578 -25.03 1.76 29.10
C GLU A 578 -26.00 2.92 28.98
N ARG A 579 -25.77 3.81 28.02
CA ARG A 579 -26.67 4.92 27.72
C ARG A 579 -26.64 6.01 28.78
N ARG A 580 -26.33 5.60 30.01
CA ARG A 580 -26.18 6.51 31.14
C ARG A 580 -25.21 5.83 32.10
N LEU A 581 -24.47 6.63 32.85
CA LEU A 581 -23.46 6.06 33.71
C LEU A 581 -23.71 6.47 35.16
N ALA A 582 -23.16 5.70 36.07
CA ALA A 582 -23.25 6.16 37.43
C ALA A 582 -22.34 7.38 37.54
N TYR A 583 -22.43 8.03 38.71
CA TYR A 583 -21.69 9.25 38.97
C TYR A 583 -20.21 9.21 38.98
N ASN A 584 -19.67 8.26 39.69
CA ASN A 584 -18.26 8.16 39.77
C ASN A 584 -17.66 7.89 38.42
N GLU A 585 -18.23 6.89 37.73
CA GLU A 585 -17.73 6.61 36.41
C GLU A 585 -17.89 7.77 35.43
N GLU A 586 -18.93 8.63 35.62
CA GLU A 586 -19.10 9.73 34.66
C GLU A 586 -17.98 10.70 34.93
N GLN A 587 -17.55 10.77 36.15
CA GLN A 587 -16.52 11.70 36.32
C GLN A 587 -15.19 11.20 36.02
N ILE A 588 -14.97 9.91 36.18
CA ILE A 588 -13.71 9.41 35.62
C ILE A 588 -13.70 9.58 34.07
N HIS A 589 -14.88 9.33 33.41
CA HIS A 589 -15.01 9.53 31.95
C HIS A 589 -14.71 10.97 31.57
N LYS A 590 -14.97 11.93 32.50
CA LYS A 590 -14.68 13.32 32.14
C LYS A 590 -13.20 13.56 32.35
N PHE A 591 -12.61 12.90 33.35
CA PHE A 591 -11.19 12.95 33.54
C PHE A 591 -10.44 12.37 32.36
N ASP A 592 -10.86 11.14 31.92
CA ASP A 592 -10.22 10.46 30.82
C ASP A 592 -10.33 11.18 29.48
N LYS A 593 -11.51 11.75 29.22
CA LYS A 593 -11.72 12.46 27.96
C LYS A 593 -10.82 13.65 27.83
N GLN A 594 -10.44 14.24 28.93
CA GLN A 594 -9.48 15.34 28.89
C GLN A 594 -8.03 14.88 28.74
N LYS A 595 -7.66 13.72 29.30
CA LYS A 595 -6.31 13.22 29.07
C LYS A 595 -6.12 12.69 27.66
N LEU A 596 -7.20 12.27 27.00
CA LEU A 596 -7.09 11.84 25.61
C LEU A 596 -6.66 12.99 24.71
N TYR A 597 -7.17 14.20 24.95
CA TYR A 597 -6.72 15.35 24.17
C TYR A 597 -5.26 15.66 24.47
N TYR A 598 -4.89 15.60 25.74
CA TYR A 598 -3.53 15.91 26.14
C TYR A 598 -2.56 14.87 25.60
N HIS A 599 -2.98 13.61 25.55
CA HIS A 599 -2.14 12.59 24.95
C HIS A 599 -1.92 12.87 23.47
N ALA A 600 -2.99 13.22 22.75
CA ALA A 600 -2.90 13.44 21.31
C ALA A 600 -1.98 14.61 21.00
N THR A 601 -2.12 15.71 21.73
CA THR A 601 -1.27 16.86 21.46
C THR A 601 0.17 16.53 21.75
N LYS A 602 0.42 15.73 22.79
CA LYS A 602 1.77 15.36 23.13
C LYS A 602 2.40 14.54 22.02
N ALA A 603 1.63 13.67 21.38
CA ALA A 603 2.22 12.86 20.32
C ALA A 603 2.45 13.61 19.01
N MET A 604 1.45 14.31 18.50
CA MET A 604 1.63 15.05 17.27
C MET A 604 2.73 16.10 17.42
N THR A 605 2.82 16.71 18.59
CA THR A 605 3.92 17.66 18.78
C THR A 605 5.25 16.94 18.64
N HIS A 606 5.36 15.76 19.25
CA HIS A 606 6.57 14.97 19.08
C HIS A 606 6.73 14.50 17.65
N PHE A 607 5.63 14.45 16.90
CA PHE A 607 5.65 14.02 15.51
C PHE A 607 6.16 15.12 14.60
N THR A 608 5.67 16.34 14.79
CA THR A 608 6.06 17.43 13.91
C THR A 608 7.39 18.06 14.32
N ASP A 609 7.63 18.19 15.61
CA ASP A 609 8.84 18.87 16.07
C ASP A 609 10.08 17.99 16.07
N GLU A 610 9.91 16.68 15.86
CA GLU A 610 11.07 15.80 15.88
C GLU A 610 11.15 14.94 14.63
N CYS A 611 10.09 14.17 14.36
CA CYS A 611 10.13 13.22 13.27
C CYS A 611 10.01 13.90 11.91
N VAL A 612 9.02 14.77 11.75
CA VAL A 612 8.78 15.40 10.45
C VAL A 612 9.93 16.34 10.11
N LYS A 613 10.25 17.25 11.04
CA LYS A 613 11.26 18.27 10.78
C LYS A 613 12.60 17.64 10.44
N LYS A 614 13.02 16.66 11.24
CA LYS A 614 14.29 15.98 11.01
C LYS A 614 14.25 15.18 9.71
N TYR A 615 13.06 14.87 9.20
CA TYR A 615 12.93 14.23 7.91
C TYR A 615 13.11 15.22 6.77
N GLU A 616 12.48 16.39 6.87
CA GLU A 616 12.63 17.39 5.82
C GLU A 616 14.07 17.87 5.73
N ALA A 617 14.78 17.89 6.86
CA ALA A 617 16.20 18.23 6.84
C ALA A 617 17.02 17.14 6.18
N PHE A 618 16.64 15.88 6.39
CA PHE A 618 17.29 14.77 5.70
C PHE A 618 16.97 14.80 4.21
N LEU A 619 15.79 15.28 3.84
CA LEU A 619 15.41 15.40 2.45
C LEU A 619 16.05 16.60 1.76
N ASN A 620 16.31 17.67 2.51
CA ASN A 620 16.96 18.83 1.90
C ASN A 620 18.39 18.50 1.50
N LYS A 621 19.16 17.93 2.42
CA LYS A 621 20.50 17.49 2.09
C LYS A 621 20.55 16.28 1.18
N SER A 622 19.42 15.61 0.95
CA SER A 622 19.42 14.50 0.01
C SER A 622 19.45 14.90 -1.46
N GLU A 623 18.72 15.95 -1.86
CA GLU A 623 18.81 16.39 -3.25
C GLU A 623 20.22 16.86 -3.63
N GLU A 624 20.87 17.61 -2.74
CA GLU A 624 22.21 18.11 -3.02
C GLU A 624 23.18 16.96 -3.25
N TRP A 625 23.22 15.98 -2.34
CA TRP A 625 24.21 14.93 -2.53
C TRP A 625 24.02 14.13 -3.80
N ILE A 626 22.81 13.94 -4.28
CA ILE A 626 22.73 13.27 -5.56
C ILE A 626 23.29 14.19 -6.64
N ARG A 627 23.00 15.50 -6.58
CA ARG A 627 23.57 16.36 -7.60
C ARG A 627 25.09 16.17 -7.62
N LYS A 628 25.71 16.13 -6.43
CA LYS A 628 27.16 15.97 -6.41
C LYS A 628 27.56 14.57 -6.86
N MET A 629 26.70 13.57 -6.68
CA MET A 629 27.03 12.23 -7.14
C MET A 629 26.83 12.09 -8.64
N LEU A 630 25.69 12.57 -9.16
CA LEU A 630 25.45 12.50 -10.59
C LEU A 630 26.44 13.35 -11.36
N HIS A 631 26.92 14.43 -10.73
CA HIS A 631 27.96 15.22 -11.38
C HIS A 631 29.24 14.43 -11.47
N LEU A 632 29.61 13.78 -10.37
CA LEU A 632 30.80 12.94 -10.37
C LEU A 632 30.64 11.75 -11.30
N ARG A 633 29.43 11.20 -11.42
CA ARG A 633 29.25 10.07 -12.31
C ARG A 633 29.38 10.43 -13.78
N LYS A 634 29.02 11.66 -14.16
CA LYS A 634 29.21 12.04 -15.55
C LYS A 634 30.66 12.38 -15.90
N GLN A 635 31.41 13.02 -15.04
CA GLN A 635 32.82 13.29 -15.32
C GLN A 635 33.62 11.97 -15.38
N LEU A 636 33.50 11.18 -14.32
CA LEU A 636 34.23 9.90 -14.33
C LEU A 636 33.77 9.07 -15.52
N LEU A 637 32.53 9.28 -15.95
CA LEU A 637 32.05 8.56 -17.11
C LEU A 637 32.92 8.92 -18.28
N SER A 638 33.05 10.24 -18.52
CA SER A 638 33.84 10.72 -19.65
C SER A 638 35.27 10.24 -19.54
N LEU A 639 35.95 10.45 -18.42
CA LEU A 639 37.27 9.92 -18.31
C LEU A 639 37.32 8.43 -18.67
N THR A 640 36.19 7.67 -18.35
CA THR A 640 36.44 6.26 -18.73
C THR A 640 36.46 6.12 -20.25
N ASN A 641 35.50 6.72 -20.95
CA ASN A 641 35.54 6.65 -22.42
C ASN A 641 36.75 7.38 -23.02
N GLN A 642 37.25 8.45 -22.37
CA GLN A 642 38.42 9.03 -22.97
C GLN A 642 39.58 8.01 -22.91
N CYS A 643 39.64 7.23 -21.81
CA CYS A 643 40.63 6.17 -21.79
C CYS A 643 40.38 5.08 -22.83
N PHE A 644 39.12 4.78 -23.12
CA PHE A 644 38.79 3.88 -24.19
C PHE A 644 39.01 4.57 -25.58
N ASP A 645 38.85 5.90 -25.53
CA ASP A 645 39.03 6.78 -26.73
C ASP A 645 40.44 6.67 -27.16
N ILE A 646 41.32 6.56 -26.19
CA ILE A 646 42.76 6.45 -26.41
C ILE A 646 43.27 5.11 -26.79
N GLU A 647 42.48 4.08 -26.40
CA GLU A 647 42.88 2.71 -26.68
C GLU A 647 42.86 2.41 -28.13
N GLU A 648 42.03 3.11 -28.87
CA GLU A 648 42.00 2.88 -30.29
C GLU A 648 43.22 3.44 -30.91
N GLU A 649 43.79 4.51 -30.23
CA GLU A 649 44.96 5.06 -30.91
C GLU A 649 46.16 4.18 -30.70
N VAL A 650 46.25 3.54 -29.52
CA VAL A 650 47.39 2.65 -29.29
C VAL A 650 47.17 1.28 -29.92
N SER A 651 45.95 0.99 -30.36
CA SER A 651 45.79 -0.29 -31.03
C SER A 651 46.26 -0.20 -32.45
N LYS A 652 46.26 1.04 -32.97
CA LYS A 652 46.67 1.27 -34.36
C LYS A 652 48.19 1.32 -34.43
N TYR A 653 48.86 2.05 -33.53
CA TYR A 653 50.32 2.13 -33.49
C TYR A 653 50.99 0.90 -32.96
N GLN A 654 50.17 -0.01 -32.41
CA GLN A 654 50.64 -1.31 -31.90
C GLN A 654 51.21 -2.21 -32.89
N GLU A 655 50.57 -2.21 -34.03
CA GLU A 655 50.73 -2.93 -35.26
C GLU A 655 51.36 -2.21 -36.42
N TYR A 656 50.63 -1.16 -36.88
CA TYR A 656 50.97 -0.41 -38.05
C TYR A 656 52.48 -0.22 -38.21
N THR A 657 53.14 0.52 -37.32
CA THR A 657 54.58 0.76 -37.48
C THR A 657 55.41 -0.51 -37.25
N ASN A 658 55.00 -1.47 -36.36
CA ASN A 658 55.76 -2.71 -36.31
C ASN A 658 55.55 -3.53 -37.59
N GLU A 659 54.45 -3.07 -38.33
CA GLU A 659 53.88 -3.68 -39.58
C GLU A 659 54.64 -3.38 -40.78
N LEU A 660 55.87 -3.37 -40.44
CA LEU A 660 56.62 -3.03 -41.60
C LEU A 660 56.63 -4.38 -42.61
N GLN A 661 56.46 -4.22 -44.05
CA GLN A 661 56.43 -5.29 -45.09
C GLN A 661 57.74 -5.68 -45.58
N GLU A 662 58.50 -6.82 -45.77
CA GLU A 662 59.86 -6.73 -46.44
C GLU A 662 60.29 -8.09 -46.75
N THR A 663 61.07 -8.23 -47.83
CA THR A 663 61.50 -9.50 -48.26
C THR A 663 62.27 -10.16 -47.18
C4 KJB B . -19.40 -9.67 17.00
C14 KJB B . -21.18 -11.87 24.02
C5 KJB B . -18.60 -10.73 17.41
C6 KJB B . -17.39 -10.47 18.22
C11 KJB B . -19.19 -12.18 22.63
C8 KJB B . -18.01 -10.01 20.47
C9 KJB B . -17.70 -10.40 21.91
C13 KJB B . -19.99 -11.11 23.45
N2 KJB B . -20.61 -11.19 15.79
C3 KJB B . -20.49 -9.90 16.18
C1 KJB B . -19.99 -12.23 16.19
C18 KJB B . -17.40 -12.78 21.17
C19 KJB B . -17.75 -12.33 19.74
C20 KJB B . -17.24 -8.93 18.23
C21 KJB B . -18.72 -12.02 16.96
C23 KJB B . -20.93 -13.56 14.52
C25 KJB B . -21.96 -14.90 13.39
C26 KJB B . -22.70 -13.61 13.48
C27 KJB B . -23.87 -13.31 12.77
C28 KJB B . -24.38 -14.23 11.89
C29 KJB B . -23.75 -15.45 11.73
C30 KJB B . -22.57 -15.70 12.43
C31 KJB B . -25.53 -14.02 11.17
C32 KJB B . -26.34 -12.91 11.27
C33 KJB B . -27.50 -12.85 10.50
C35 KJB B . -27.09 -14.96 9.74
C38 KJB B . -26.53 -10.66 11.58
C39 KJB B . -26.00 -10.39 10.17
C40 KJB B . -25.74 -9.97 12.67
F15 KJB B . -22.02 -11.12 24.70
F16 KJB B . -20.71 -12.80 24.85
F17 KJB B . -21.85 -12.59 23.15
N10 KJB B . -18.15 -11.73 21.98
N22 KJB B . -20.29 -13.35 15.42
N24 KJB B . -21.07 -14.65 14.14
N34 KJB B . -27.85 -13.87 9.75
N36 KJB B . -25.98 -15.04 10.46
N41 KJB B . -22.27 -12.80 14.38
N7 KJB B . -17.25 -10.92 19.59
O12 KJB B . -19.49 -13.36 22.64
O37 KJB B . -25.98 -11.86 12.02
#